data_8VM9
#
_entry.id   8VM9
#
_cell.length_a   70.921
_cell.length_b   79.214
_cell.length_c   141.324
_cell.angle_alpha   90.000
_cell.angle_beta   98.870
_cell.angle_gamma   90.000
#
_symmetry.space_group_name_H-M   'P 1 21 1'
#
loop_
_entity.id
_entity.type
_entity.pdbx_description
1 polymer 'RNA (85-MER)'
2 polymer 'Heavy Chain of Fab BL3-6'
3 polymer 'Light Chain of Fab BL3-6'
4 water water
#
loop_
_entity_poly.entity_id
_entity_poly.type
_entity_poly.pdbx_seq_one_letter_code
_entity_poly.pdbx_strand_id
1 'polyribonucleotide'
;GGAAACAGCGGAUGGGUAUCCCACCAUUCGACCCAUUGGGUGUAGUACUCUGGUACGAAACACGUACCUUUGUACGCCUG
UUUCC
;
R,C
2 'polypeptide(L)'
;EISEVQLVESGGGLVQPGGSLRLSCAASGFYISYSSIHWVRQAPGKGLEWVASISPYSGSTYYADSVKGRFTISADTSKN
TAYLQMNSLRAEDTAVYYCARQGYRRRSGRGFDYWGQGTLVTVSSASTKGPSVFPLAPSSKSTSGGTAALGCLVKDYFPE
PVTVSWNSGALTSGVHTFPAVLQSSGLYSLSSVVTVPSSSLGTQTYICNVNHKPSNTKVDKKVEPKSCDKTHT
;
A,H
3 'polypeptide(L)'
;SDIQMTQSPSSLSASVGDRVTITCRASQSVSSAVAWYQQKPGKAPKLLIYSASSLYSGVPSRFSGSRSGTDFTLTISSLQ
PEDFATYYCQQSYSFPSTFGQGTKVEIKRTVAAPSVFIFPPSDEQLKSGTASVVCLLNNFYPREAKVQWKVDNALQSGNS
QESVTEQDSKDSTYSLSSTLTLSKADYEKHKVYACEVTHQGLSSPVTKSFNRGEC
;
B,L
#
# COMPACT_ATOMS: atom_id res chain seq x y z
N GLU C 4 15.17 14.42 11.59
CA GLU C 4 14.73 13.51 12.65
C GLU C 4 15.50 12.17 12.67
N VAL C 5 15.37 11.37 11.63
CA VAL C 5 16.26 10.23 11.48
C VAL C 5 17.41 10.66 10.60
N GLN C 6 18.64 10.44 11.06
CA GLN C 6 19.78 10.78 10.21
C GLN C 6 20.85 9.70 10.29
N LEU C 7 21.62 9.58 9.19
CA LEU C 7 22.74 8.66 9.05
C LEU C 7 23.93 9.46 8.53
N VAL C 8 24.97 9.60 9.32
CA VAL C 8 26.13 10.40 8.94
C VAL C 8 27.29 9.45 8.75
N GLU C 9 27.83 9.41 7.53
CA GLU C 9 28.98 8.57 7.23
C GLU C 9 30.27 9.35 7.20
N SER C 10 31.34 8.60 7.36
CA SER C 10 32.69 9.14 7.31
C SER C 10 33.60 7.97 7.02
N GLY C 11 34.88 8.28 6.79
CA GLY C 11 35.89 7.31 6.49
C GLY C 11 36.25 7.13 5.02
N GLY C 12 35.66 7.87 4.10
CA GLY C 12 36.03 7.71 2.71
C GLY C 12 37.42 8.27 2.44
N GLY C 13 37.95 8.03 1.26
CA GLY C 13 39.23 8.61 0.91
C GLY C 13 39.86 7.90 -0.27
N LEU C 14 41.14 8.19 -0.45
CA LEU C 14 41.92 7.61 -1.52
C LEU C 14 42.85 6.56 -0.94
N VAL C 15 42.94 5.44 -1.63
CA VAL C 15 43.79 4.34 -1.22
C VAL C 15 44.31 3.68 -2.49
N GLN C 16 45.52 3.10 -2.42
CA GLN C 16 46.07 2.32 -3.51
C GLN C 16 45.45 0.93 -3.56
N PRO C 17 45.43 0.35 -4.76
CA PRO C 17 44.97 -1.04 -4.91
C PRO C 17 45.73 -1.93 -3.94
N GLY C 18 45.00 -2.85 -3.30
CA GLY C 18 45.51 -3.60 -2.19
C GLY C 18 45.33 -2.93 -0.83
N GLY C 19 45.03 -1.63 -0.77
CA GLY C 19 44.83 -0.97 0.50
C GLY C 19 43.45 -1.23 1.11
N SER C 20 43.17 -0.47 2.15
CA SER C 20 42.17 -0.76 3.15
C SER C 20 41.50 0.54 3.59
N LEU C 21 40.24 0.47 4.03
CA LEU C 21 39.51 1.61 4.58
C LEU C 21 38.36 1.11 5.45
N ARG C 22 38.02 1.89 6.48
CA ARG C 22 36.83 1.63 7.31
C ARG C 22 35.89 2.81 7.18
N LEU C 23 34.66 2.53 6.77
CA LEU C 23 33.59 3.50 6.74
C LEU C 23 32.74 3.35 8.01
N SER C 24 32.22 4.45 8.46
CA SER C 24 31.27 4.33 9.55
C SER C 24 30.04 5.13 9.24
N CYS C 25 28.95 4.73 9.89
CA CYS C 25 27.61 5.23 9.62
C CYS C 25 26.98 5.45 10.99
N ALA C 26 27.01 6.70 11.45
CA ALA C 26 26.61 7.05 12.81
C ALA C 26 25.12 7.41 12.78
N ALA C 27 24.31 6.70 13.57
CA ALA C 27 22.86 6.93 13.57
C ALA C 27 22.45 8.01 14.57
N SER C 28 21.45 8.78 14.17
CA SER C 28 20.83 9.75 15.06
C SER C 28 19.31 9.66 14.87
N GLY C 29 18.57 9.75 15.98
CA GLY C 29 17.11 9.68 15.95
C GLY C 29 16.50 8.28 15.93
N PHE C 30 17.31 7.23 15.91
CA PHE C 30 16.82 5.85 15.95
C PHE C 30 17.98 4.99 16.41
N TYR C 31 17.67 3.74 16.77
CA TYR C 31 18.69 2.81 17.26
C TYR C 31 18.99 1.74 16.21
N ILE C 32 20.26 1.60 15.89
CA ILE C 32 20.65 0.70 14.82
C ILE C 32 20.38 -0.75 15.16
N SER C 33 20.25 -1.08 16.45
CA SER C 33 20.01 -2.47 16.84
C SER C 33 18.60 -2.97 16.50
N TYR C 34 17.67 -2.09 16.12
CA TYR C 34 16.30 -2.51 15.79
C TYR C 34 16.02 -2.42 14.30
N SER C 35 17.05 -2.18 13.48
CA SER C 35 16.87 -2.07 12.04
C SER C 35 17.96 -2.86 11.33
N SER C 36 17.63 -3.32 10.11
CA SER C 36 18.66 -3.81 9.22
C SER C 36 19.37 -2.60 8.63
N ILE C 37 20.70 -2.62 8.63
CA ILE C 37 21.56 -1.60 8.06
C ILE C 37 22.23 -2.19 6.83
N HIS C 38 22.22 -1.43 5.74
CA HIS C 38 22.77 -1.85 4.47
C HIS C 38 23.81 -0.86 4.02
N TRP C 39 24.76 -1.35 3.24
CA TRP C 39 25.66 -0.49 2.51
C TRP C 39 25.38 -0.71 1.04
N VAL C 40 25.27 0.39 0.30
CA VAL C 40 24.96 0.43 -1.13
C VAL C 40 25.93 1.39 -1.79
N ARG C 41 26.47 1.04 -2.94
CA ARG C 41 27.50 1.89 -3.55
C ARG C 41 27.15 2.24 -4.98
N GLN C 42 27.76 3.31 -5.47
CA GLN C 42 27.42 3.82 -6.79
C GLN C 42 28.70 4.37 -7.42
N ALA C 43 29.29 3.59 -8.34
CA ALA C 43 30.47 4.10 -9.02
C ALA C 43 30.06 5.34 -9.81
N PRO C 44 30.98 6.29 -10.01
CA PRO C 44 30.63 7.52 -10.75
C PRO C 44 29.87 7.30 -12.04
N GLY C 45 28.68 7.87 -12.16
CA GLY C 45 27.91 7.80 -13.38
C GLY C 45 27.21 6.48 -13.63
N LYS C 46 27.18 5.61 -12.63
CA LYS C 46 26.61 4.28 -12.78
C LYS C 46 25.46 4.13 -11.82
N GLY C 47 24.87 2.94 -11.84
CA GLY C 47 23.68 2.69 -11.04
C GLY C 47 24.04 2.31 -9.62
N LEU C 48 22.99 2.11 -8.83
CA LEU C 48 23.16 1.64 -7.46
C LEU C 48 23.61 0.18 -7.44
N GLU C 49 24.50 -0.16 -6.54
CA GLU C 49 24.90 -1.55 -6.34
C GLU C 49 24.87 -1.89 -4.86
N TRP C 50 24.06 -2.90 -4.50
CA TRP C 50 24.02 -3.38 -3.12
C TRP C 50 25.34 -4.03 -2.74
N VAL C 51 25.77 -3.81 -1.50
CA VAL C 51 27.09 -4.24 -1.04
C VAL C 51 27.01 -5.25 0.11
N ALA C 52 26.30 -4.90 1.19
CA ALA C 52 26.26 -5.69 2.42
C ALA C 52 25.12 -5.22 3.34
N SER C 53 24.69 -6.12 4.21
CA SER C 53 23.68 -5.78 5.21
C SER C 53 23.92 -6.57 6.49
N ILE C 54 23.35 -6.07 7.58
CA ILE C 54 23.43 -6.74 8.86
C ILE C 54 22.06 -6.73 9.51
N SER C 55 21.63 -7.87 10.01
CA SER C 55 20.29 -8.07 10.52
C SER C 55 20.20 -7.72 12.00
N PRO C 56 19.04 -7.28 12.49
CA PRO C 56 18.87 -7.01 13.92
C PRO C 56 18.60 -8.30 14.70
N TYR C 57 19.00 -8.26 15.96
CA TYR C 57 18.86 -9.30 16.98
C TYR C 57 19.76 -10.49 16.71
N SER C 58 20.05 -10.75 15.47
CA SER C 58 20.95 -11.87 15.23
C SER C 58 22.33 -11.41 14.85
N GLY C 59 22.46 -10.21 14.29
CA GLY C 59 23.70 -9.77 13.69
C GLY C 59 24.09 -10.53 12.44
N SER C 60 23.17 -11.31 11.85
CA SER C 60 23.46 -11.99 10.59
C SER C 60 23.89 -10.98 9.55
N THR C 61 24.90 -11.32 8.77
CA THR C 61 25.47 -10.43 7.76
C THR C 61 25.36 -11.05 6.37
N TYR C 62 25.21 -10.18 5.39
CA TYR C 62 25.08 -10.60 4.02
C TYR C 62 25.98 -9.70 3.18
N TYR C 63 26.54 -10.31 2.12
CA TYR C 63 27.49 -9.62 1.26
C TYR C 63 27.18 -9.94 -0.19
N ALA C 64 27.42 -8.97 -1.07
CA ALA C 64 27.36 -9.23 -2.50
C ALA C 64 28.55 -10.08 -2.94
N ASP C 65 28.35 -10.87 -3.98
CA ASP C 65 29.45 -11.70 -4.49
C ASP C 65 30.73 -10.91 -4.72
N SER C 66 30.63 -9.71 -5.28
CA SER C 66 31.81 -8.95 -5.68
C SER C 66 32.68 -8.50 -4.49
N VAL C 67 32.13 -8.44 -3.27
CA VAL C 67 32.92 -7.98 -2.13
C VAL C 67 33.16 -9.06 -1.09
N LYS C 68 32.58 -10.24 -1.24
CA LYS C 68 32.72 -11.30 -0.26
C LYS C 68 34.17 -11.60 0.09
N GLY C 69 34.42 -11.91 1.38
CA GLY C 69 35.78 -12.17 1.86
C GLY C 69 36.65 -10.94 2.03
N ARG C 70 36.34 -9.84 1.34
CA ARG C 70 37.13 -8.63 1.49
C ARG C 70 36.48 -7.59 2.42
N PHE C 71 35.16 -7.55 2.47
CA PHE C 71 34.42 -6.58 3.27
C PHE C 71 33.79 -7.27 4.47
N THR C 72 33.73 -6.54 5.57
CA THR C 72 33.05 -7.01 6.77
C THR C 72 32.12 -5.91 7.27
N ILE C 73 30.87 -6.25 7.52
CA ILE C 73 29.93 -5.25 8.05
C ILE C 73 29.77 -5.53 9.54
N SER C 74 29.60 -4.48 10.33
CA SER C 74 29.46 -4.70 11.76
C SER C 74 28.67 -3.55 12.39
N ALA C 75 28.23 -3.79 13.62
CA ALA C 75 27.45 -2.81 14.37
C ALA C 75 27.96 -2.73 15.80
N ASP C 76 28.17 -1.50 16.26
CA ASP C 76 28.49 -1.26 17.66
C ASP C 76 27.23 -0.61 18.28
N THR C 77 26.42 -1.38 19.00
CA THR C 77 25.18 -0.79 19.45
C THR C 77 25.38 0.18 20.61
N SER C 78 26.50 0.08 21.36
CA SER C 78 26.79 1.08 22.38
C SER C 78 27.27 2.41 21.81
N LYS C 79 27.77 2.44 20.59
CA LYS C 79 28.06 3.70 19.93
C LYS C 79 26.96 4.07 18.96
N ASN C 80 26.01 3.17 18.76
CA ASN C 80 24.92 3.35 17.80
C ASN C 80 25.48 3.71 16.42
N THR C 81 26.42 2.87 15.94
CA THR C 81 27.14 3.11 14.70
C THR C 81 27.35 1.78 13.96
N ALA C 82 27.22 1.80 12.65
CA ALA C 82 27.57 0.66 11.81
C ALA C 82 28.87 0.92 11.03
N TYR C 83 29.53 -0.16 10.65
CA TYR C 83 30.83 -0.09 9.97
C TYR C 83 30.86 -0.98 8.72
N LEU C 84 31.66 -0.56 7.74
CA LEU C 84 32.10 -1.40 6.63
C LEU C 84 33.62 -1.35 6.55
N GLN C 85 34.25 -2.45 6.93
CA GLN C 85 35.70 -2.62 6.85
C GLN C 85 36.02 -3.21 5.46
N MET C 86 36.70 -2.44 4.61
CA MET C 86 36.96 -2.85 3.24
C MET C 86 38.43 -3.15 3.11
N ASN C 87 38.78 -4.42 2.92
CA ASN C 87 40.16 -4.82 2.65
C ASN C 87 40.41 -5.19 1.20
N SER C 88 41.71 -5.26 0.88
CA SER C 88 42.27 -5.59 -0.43
C SER C 88 41.39 -5.04 -1.53
N LEU C 89 41.25 -3.72 -1.48
CA LEU C 89 40.48 -2.91 -2.38
C LEU C 89 41.06 -2.93 -3.80
N ARG C 90 40.20 -2.85 -4.79
CA ARG C 90 40.58 -2.70 -6.18
C ARG C 90 39.95 -1.45 -6.78
N ALA C 91 40.47 -0.99 -7.92
CA ALA C 91 39.91 0.20 -8.56
C ALA C 91 38.43 0.05 -8.84
N GLU C 92 37.96 -1.16 -9.11
CA GLU C 92 36.56 -1.34 -9.42
C GLU C 92 35.68 -1.14 -8.19
N ASP C 93 36.28 -1.02 -7.00
CA ASP C 93 35.55 -0.66 -5.79
C ASP C 93 35.29 0.83 -5.66
N THR C 94 35.85 1.66 -6.54
CA THR C 94 35.66 3.10 -6.50
C THR C 94 34.18 3.45 -6.64
N ALA C 95 33.66 4.21 -5.68
CA ALA C 95 32.23 4.50 -5.67
C ALA C 95 31.93 5.47 -4.54
N VAL C 96 30.80 6.15 -4.65
CA VAL C 96 30.16 6.75 -3.47
C VAL C 96 29.48 5.63 -2.69
N TYR C 97 29.83 5.49 -1.42
CA TYR C 97 29.23 4.47 -0.56
C TYR C 97 28.17 5.10 0.36
N TYR C 98 26.96 4.57 0.33
CA TYR C 98 25.87 4.99 1.20
C TYR C 98 25.63 3.90 2.22
N CYS C 99 25.34 4.28 3.46
CA CYS C 99 24.62 3.36 4.32
C CYS C 99 23.16 3.77 4.30
N ALA C 100 22.29 2.79 4.52
CA ALA C 100 20.87 3.02 4.43
C ALA C 100 20.18 2.18 5.48
N ARG C 101 19.07 2.72 6.00
CA ARG C 101 18.25 2.00 6.97
C ARG C 101 17.13 1.29 6.21
N GLN C 102 17.05 -0.02 6.33
CA GLN C 102 15.81 -0.70 6.05
C GLN C 102 14.77 -0.33 7.09
N GLY C 103 13.58 0.05 6.61
CA GLY C 103 12.53 0.50 7.48
C GLY C 103 11.92 -0.65 8.25
N TYR C 104 11.00 -0.27 9.14
CA TYR C 104 10.25 -1.20 9.96
C TYR C 104 9.28 -2.01 9.10
N ARG C 105 9.16 -3.30 9.43
CA ARG C 105 8.40 -4.25 8.62
C ARG C 105 6.95 -3.79 8.43
N ARG C 106 6.28 -3.36 9.51
CA ARG C 106 4.90 -2.90 9.44
C ARG C 106 4.71 -1.52 8.81
N ARG C 107 5.77 -0.81 8.48
CA ARG C 107 5.63 0.53 7.95
C ARG C 107 6.10 0.68 6.50
N SER C 108 7.25 0.16 6.12
CA SER C 108 7.59 0.41 4.73
C SER C 108 8.21 -0.83 4.07
N GLY C 109 7.67 -1.98 4.45
CA GLY C 109 8.04 -3.25 3.89
C GLY C 109 9.53 -3.42 4.11
N ARG C 110 10.24 -3.68 3.03
CA ARG C 110 11.70 -3.75 3.09
C ARG C 110 12.34 -2.60 2.33
N GLY C 111 11.56 -1.58 1.98
CA GLY C 111 12.14 -0.38 1.43
C GLY C 111 13.17 0.22 2.37
N PHE C 112 14.15 0.88 1.77
CA PHE C 112 15.22 1.57 2.49
C PHE C 112 14.76 3.01 2.69
N ASP C 113 14.26 3.35 3.90
CA ASP C 113 13.55 4.63 4.05
C ASP C 113 14.45 5.81 4.41
N TYR C 114 15.63 5.58 4.99
CA TYR C 114 16.55 6.67 5.30
C TYR C 114 17.97 6.34 4.80
N TRP C 115 18.65 7.34 4.23
CA TRP C 115 19.97 7.09 3.66
C TRP C 115 20.98 8.13 4.15
N GLY C 116 22.24 7.68 4.28
CA GLY C 116 23.34 8.59 4.54
C GLY C 116 23.63 9.52 3.38
N GLN C 117 24.48 10.50 3.63
CA GLN C 117 24.86 11.44 2.57
C GLN C 117 25.84 10.85 1.56
N GLY C 118 26.42 9.68 1.81
CA GLY C 118 27.43 9.13 0.90
C GLY C 118 28.82 9.62 1.27
N THR C 119 29.83 8.75 1.05
CA THR C 119 31.24 9.12 1.15
C THR C 119 32.01 8.53 -0.03
N LEU C 120 32.87 9.36 -0.63
CA LEU C 120 33.58 8.99 -1.84
C LEU C 120 34.80 8.13 -1.50
N VAL C 121 34.84 6.93 -2.08
CA VAL C 121 35.98 6.01 -1.94
C VAL C 121 36.64 5.86 -3.30
N THR C 122 37.93 6.20 -3.39
CA THR C 122 38.71 6.11 -4.63
C THR C 122 39.89 5.16 -4.48
N VAL C 123 39.96 4.15 -5.35
CA VAL C 123 41.04 3.18 -5.33
C VAL C 123 41.83 3.32 -6.64
N SER C 124 43.11 3.66 -6.53
CA SER C 124 43.91 4.05 -7.69
C SER C 124 45.40 4.03 -7.32
N SER C 125 46.26 3.77 -8.32
CA SER C 125 47.67 3.93 -8.05
C SER C 125 48.12 5.37 -8.23
N ALA C 126 47.34 6.24 -8.84
CA ALA C 126 47.80 7.62 -8.95
C ALA C 126 47.88 8.30 -7.57
N SER C 127 48.84 9.21 -7.43
CA SER C 127 48.99 9.92 -6.16
C SER C 127 48.12 11.18 -6.13
N THR C 128 47.86 11.66 -4.91
CA THR C 128 47.22 12.96 -4.74
C THR C 128 48.07 14.06 -5.38
N LYS C 129 47.38 15.00 -6.04
CA LYS C 129 48.02 16.17 -6.63
C LYS C 129 47.04 17.33 -6.62
N GLY C 130 47.48 18.49 -6.16
CA GLY C 130 46.63 19.66 -6.15
C GLY C 130 46.53 20.29 -7.52
N PRO C 131 45.48 21.07 -7.76
CA PRO C 131 45.23 21.59 -9.10
C PRO C 131 45.94 22.90 -9.37
N SER C 132 46.15 23.15 -10.67
CA SER C 132 46.54 24.46 -11.16
C SER C 132 45.29 25.19 -11.63
N VAL C 133 45.21 26.48 -11.30
CA VAL C 133 44.06 27.30 -11.65
C VAL C 133 44.52 28.33 -12.65
N PHE C 134 43.92 28.31 -13.83
CA PHE C 134 44.26 29.29 -14.85
C PHE C 134 43.01 30.06 -15.23
N PRO C 135 43.13 31.35 -15.48
CA PRO C 135 41.94 32.13 -15.80
C PRO C 135 41.52 31.93 -17.23
N LEU C 136 40.21 31.90 -17.42
CA LEU C 136 39.62 31.99 -18.74
C LEU C 136 39.25 33.46 -18.86
N ALA C 137 40.15 34.23 -19.46
CA ALA C 137 40.00 35.67 -19.45
C ALA C 137 38.74 36.07 -20.22
N PRO C 138 38.01 37.08 -19.76
CA PRO C 138 36.78 37.46 -20.46
C PRO C 138 37.10 37.95 -21.85
N SER C 139 36.08 37.95 -22.70
CA SER C 139 36.22 38.44 -24.05
C SER C 139 36.77 39.86 -24.04
N SER C 140 38.00 40.02 -24.55
CA SER C 140 38.54 41.35 -24.74
C SER C 140 38.02 41.98 -26.03
N LYS C 141 37.31 41.20 -26.85
CA LYS C 141 36.61 41.70 -28.02
C LYS C 141 35.21 42.16 -27.60
N SER C 142 34.46 42.68 -28.57
CA SER C 142 33.20 43.32 -28.25
C SER C 142 32.18 42.30 -27.72
N THR C 143 30.99 42.82 -27.42
CA THR C 143 29.95 42.04 -26.77
C THR C 143 29.20 41.19 -27.79
N SER C 144 29.07 39.90 -27.51
CA SER C 144 28.35 38.96 -28.36
C SER C 144 27.12 38.48 -27.60
N GLY C 145 25.97 39.12 -27.85
CA GLY C 145 24.75 38.82 -27.16
C GLY C 145 24.38 39.73 -26.00
N GLY C 146 25.11 40.83 -25.80
CA GLY C 146 24.86 41.74 -24.70
C GLY C 146 25.59 41.39 -23.42
N THR C 147 26.09 40.15 -23.32
CA THR C 147 26.77 39.65 -22.14
C THR C 147 28.02 38.89 -22.57
N ALA C 148 29.01 38.85 -21.69
CA ALA C 148 30.24 38.13 -21.97
C ALA C 148 30.44 37.02 -20.94
N ALA C 149 31.45 36.18 -21.21
CA ALA C 149 31.72 34.99 -20.42
C ALA C 149 33.16 35.00 -19.93
N LEU C 150 33.34 34.51 -18.71
CA LEU C 150 34.66 34.35 -18.12
C LEU C 150 34.62 33.12 -17.22
N GLY C 151 35.78 32.69 -16.77
CA GLY C 151 35.79 31.53 -15.92
C GLY C 151 37.19 31.16 -15.48
N CYS C 152 37.29 29.96 -14.94
CA CYS C 152 38.52 29.39 -14.44
C CYS C 152 38.70 27.99 -14.98
N LEU C 153 39.93 27.65 -15.33
CA LEU C 153 40.31 26.30 -15.70
C LEU C 153 41.06 25.67 -14.54
N VAL C 154 40.57 24.55 -14.05
CA VAL C 154 41.16 23.84 -12.93
C VAL C 154 41.74 22.54 -13.48
N LYS C 155 43.06 22.47 -13.57
CA LYS C 155 43.73 21.47 -14.38
C LYS C 155 44.66 20.61 -13.54
N ASP C 156 44.77 19.33 -13.92
CA ASP C 156 45.79 18.39 -13.45
C ASP C 156 45.71 18.14 -11.94
N TYR C 157 44.59 17.58 -11.50
CA TYR C 157 44.45 17.26 -10.08
C TYR C 157 43.98 15.83 -9.90
N PHE C 158 44.15 15.34 -8.68
CA PHE C 158 43.75 13.99 -8.33
C PHE C 158 43.73 13.80 -6.82
N PRO C 159 42.74 13.08 -6.29
CA PRO C 159 41.55 12.56 -6.95
C PRO C 159 40.46 13.59 -6.99
N GLU C 160 39.28 13.14 -7.33
CA GLU C 160 38.08 13.95 -7.15
C GLU C 160 37.77 14.17 -5.67
N PRO C 161 37.04 15.25 -5.33
CA PRO C 161 36.49 16.32 -6.17
C PRO C 161 37.19 17.66 -5.97
N VAL C 162 36.95 18.63 -6.85
CA VAL C 162 37.20 20.03 -6.55
C VAL C 162 35.85 20.74 -6.52
N THR C 163 35.74 21.78 -5.71
CA THR C 163 34.55 22.61 -5.67
C THR C 163 34.92 24.03 -6.03
N VAL C 164 34.06 24.68 -6.82
CA VAL C 164 34.35 26.01 -7.32
C VAL C 164 33.17 26.94 -7.02
N SER C 165 33.46 28.12 -6.48
CA SER C 165 32.49 29.18 -6.29
C SER C 165 33.09 30.49 -6.76
N TRP C 166 32.24 31.50 -6.93
CA TRP C 166 32.65 32.77 -7.51
C TRP C 166 32.33 33.90 -6.56
N ASN C 167 33.30 34.79 -6.37
CA ASN C 167 33.20 35.90 -5.44
C ASN C 167 32.79 35.37 -4.05
N SER C 168 33.54 34.36 -3.60
CA SER C 168 33.32 33.73 -2.30
C SER C 168 31.85 33.36 -2.07
N GLY C 169 31.18 32.92 -3.14
CA GLY C 169 29.80 32.47 -3.06
C GLY C 169 28.76 33.54 -3.23
N ALA C 170 29.16 34.81 -3.28
CA ALA C 170 28.20 35.89 -3.55
C ALA C 170 27.64 35.79 -4.97
N LEU C 171 28.48 35.42 -5.94
CA LEU C 171 28.06 35.29 -7.33
C LEU C 171 27.71 33.84 -7.64
N THR C 172 26.43 33.58 -7.89
CA THR C 172 25.96 32.25 -8.25
C THR C 172 25.11 32.22 -9.50
N SER C 173 24.49 33.33 -9.88
CA SER C 173 23.59 33.34 -11.03
C SER C 173 24.43 33.25 -12.29
N GLY C 174 24.13 32.27 -13.13
CA GLY C 174 24.88 32.06 -14.36
C GLY C 174 26.13 31.23 -14.20
N VAL C 175 26.37 30.65 -13.02
CA VAL C 175 27.53 29.81 -12.80
C VAL C 175 27.25 28.43 -13.38
N HIS C 176 28.21 27.91 -14.14
CA HIS C 176 28.20 26.53 -14.60
C HIS C 176 29.55 25.94 -14.24
N THR C 177 29.56 24.96 -13.36
CA THR C 177 30.78 24.21 -13.07
C THR C 177 30.66 22.84 -13.72
N PHE C 178 31.57 22.55 -14.63
CA PHE C 178 31.42 21.35 -15.44
C PHE C 178 31.90 20.11 -14.69
N PRO C 179 31.36 18.95 -15.04
CA PRO C 179 31.91 17.70 -14.49
C PRO C 179 33.37 17.56 -14.86
N ALA C 180 34.15 17.02 -13.93
CA ALA C 180 35.57 16.84 -14.21
C ALA C 180 35.76 15.79 -15.28
N VAL C 181 36.71 16.03 -16.16
CA VAL C 181 37.10 15.07 -17.19
C VAL C 181 38.49 14.56 -16.84
N LEU C 182 38.68 13.26 -16.96
CA LEU C 182 39.96 12.62 -16.73
C LEU C 182 40.82 12.67 -17.99
N GLN C 183 41.93 13.39 -17.93
CA GLN C 183 42.83 13.54 -19.06
C GLN C 183 43.65 12.28 -19.25
N SER C 184 44.19 12.11 -20.46
CA SER C 184 44.99 10.93 -20.70
C SER C 184 46.23 10.88 -19.80
N SER C 185 46.61 12.00 -19.20
CA SER C 185 47.68 11.99 -18.21
C SER C 185 47.32 11.22 -16.94
N GLY C 186 46.05 10.89 -16.74
CA GLY C 186 45.60 10.32 -15.49
C GLY C 186 45.19 11.36 -14.46
N LEU C 187 45.23 12.64 -14.80
CA LEU C 187 44.81 13.70 -13.91
C LEU C 187 43.53 14.35 -14.44
N TYR C 188 42.68 14.80 -13.52
CA TYR C 188 41.44 15.42 -13.94
C TYR C 188 41.65 16.89 -14.28
N SER C 189 40.73 17.43 -15.05
CA SER C 189 40.60 18.85 -15.22
C SER C 189 39.12 19.20 -15.35
N LEU C 190 38.75 20.39 -14.89
CA LEU C 190 37.41 20.90 -15.11
C LEU C 190 37.47 22.42 -15.22
N SER C 191 36.40 22.99 -15.76
CA SER C 191 36.25 24.42 -15.86
C SER C 191 34.97 24.84 -15.16
N SER C 192 35.01 26.05 -14.58
CA SER C 192 33.83 26.73 -14.08
C SER C 192 33.69 28.04 -14.83
N VAL C 193 32.50 28.34 -15.30
CA VAL C 193 32.26 29.54 -16.10
C VAL C 193 31.06 30.31 -15.53
N VAL C 194 31.05 31.61 -15.80
CA VAL C 194 29.95 32.49 -15.45
C VAL C 194 29.69 33.44 -16.61
N THR C 195 28.43 33.84 -16.76
CA THR C 195 28.04 34.83 -17.75
C THR C 195 27.66 36.10 -17.00
N VAL C 196 28.16 37.24 -17.47
CA VAL C 196 28.02 38.51 -16.76
C VAL C 196 27.69 39.61 -17.75
N PRO C 197 27.09 40.70 -17.29
CA PRO C 197 26.86 41.85 -18.17
C PRO C 197 28.18 42.45 -18.62
N SER C 198 28.41 42.44 -19.93
CA SER C 198 29.64 42.98 -20.49
C SER C 198 29.82 44.46 -20.14
N SER C 199 28.72 45.16 -19.86
CA SER C 199 28.76 46.58 -19.52
C SER C 199 29.44 46.84 -18.18
N SER C 200 29.71 45.80 -17.39
CA SER C 200 30.25 45.96 -16.04
C SER C 200 31.47 45.06 -15.82
N LEU C 201 32.22 44.77 -16.88
CA LEU C 201 33.46 44.03 -16.72
C LEU C 201 34.43 44.80 -15.84
N GLY C 202 34.63 46.08 -16.15
CA GLY C 202 35.61 46.90 -15.48
C GLY C 202 35.21 47.48 -14.14
N THR C 203 34.01 47.19 -13.64
CA THR C 203 33.59 47.73 -12.36
C THR C 203 33.27 46.63 -11.34
N GLN C 204 33.64 45.38 -11.61
CA GLN C 204 33.41 44.31 -10.66
C GLN C 204 34.58 43.34 -10.66
N THR C 205 34.94 42.89 -9.47
CA THR C 205 36.07 42.02 -9.25
C THR C 205 35.60 40.57 -9.32
N TYR C 206 36.30 39.76 -10.12
CA TYR C 206 35.92 38.37 -10.31
C TYR C 206 37.08 37.45 -9.89
N ILE C 207 36.88 36.74 -8.80
CA ILE C 207 37.83 35.76 -8.28
C ILE C 207 37.09 34.44 -8.08
N CYS C 208 37.58 33.38 -8.71
CA CYS C 208 36.99 32.06 -8.52
C CYS C 208 37.68 31.34 -7.37
N ASN C 209 36.88 30.70 -6.55
CA ASN C 209 37.32 30.08 -5.30
C ASN C 209 37.37 28.56 -5.50
N VAL C 210 38.57 28.05 -5.72
CA VAL C 210 38.79 26.64 -5.99
C VAL C 210 39.31 25.95 -4.74
N ASN C 211 38.62 24.91 -4.31
CA ASN C 211 39.04 24.11 -3.16
C ASN C 211 39.26 22.67 -3.61
N HIS C 212 40.43 22.12 -3.29
CA HIS C 212 40.71 20.69 -3.52
C HIS C 212 41.10 20.12 -2.16
N LYS C 213 40.08 19.70 -1.42
CA LYS C 213 40.27 19.17 -0.08
C LYS C 213 41.27 18.02 0.01
N PRO C 214 41.29 17.03 -0.90
CA PRO C 214 42.24 15.90 -0.74
C PRO C 214 43.71 16.32 -0.75
N SER C 215 44.04 17.49 -1.29
CA SER C 215 45.39 18.00 -1.23
C SER C 215 45.49 19.20 -0.32
N ASN C 216 44.41 19.57 0.35
CA ASN C 216 44.39 20.73 1.23
C ASN C 216 44.88 21.97 0.49
N THR C 217 44.36 22.18 -0.71
CA THR C 217 44.75 23.27 -1.59
C THR C 217 43.59 24.21 -1.78
N LYS C 218 43.84 25.51 -1.60
CA LYS C 218 42.87 26.54 -1.95
C LYS C 218 43.58 27.59 -2.78
N VAL C 219 42.99 27.95 -3.91
CA VAL C 219 43.56 28.93 -4.82
C VAL C 219 42.49 29.95 -5.16
N ASP C 220 42.89 31.20 -5.31
CA ASP C 220 42.01 32.24 -5.82
C ASP C 220 42.70 32.91 -7.00
N LYS C 221 41.96 33.05 -8.09
CA LYS C 221 42.47 33.59 -9.34
C LYS C 221 41.57 34.74 -9.75
N LYS C 222 42.14 35.93 -9.87
CA LYS C 222 41.42 37.04 -10.46
C LYS C 222 41.32 36.83 -11.97
N VAL C 223 40.19 37.22 -12.54
CA VAL C 223 39.92 37.02 -13.96
C VAL C 223 39.76 38.40 -14.57
N GLU C 224 40.58 38.70 -15.58
CA GLU C 224 40.63 40.03 -16.18
C GLU C 224 40.67 39.92 -17.68
N PRO C 225 40.05 40.87 -18.39
CA PRO C 225 40.34 41.02 -19.82
C PRO C 225 41.81 41.40 -19.98
N LYS C 226 42.39 40.95 -21.09
CA LYS C 226 43.85 41.05 -21.23
C LYS C 226 44.25 42.44 -21.71
N SER C 227 45.54 42.61 -22.01
CA SER C 227 46.14 43.93 -22.23
C SER C 227 45.44 44.72 -23.34
N CYS C 228 45.51 44.23 -24.56
CA CYS C 228 44.97 44.96 -25.70
C CYS C 228 44.02 44.07 -26.50
N SER D 1 20.32 -18.86 -9.24
CA SER D 1 21.41 -17.99 -8.82
C SER D 1 20.86 -16.70 -8.24
N ASP D 2 21.61 -15.62 -8.43
CA ASP D 2 21.13 -14.31 -8.04
C ASP D 2 20.01 -13.86 -8.96
N ILE D 3 19.21 -12.94 -8.46
CA ILE D 3 18.05 -12.44 -9.17
C ILE D 3 18.45 -11.15 -9.86
N GLN D 4 18.19 -11.05 -11.15
CA GLN D 4 18.49 -9.84 -11.89
C GLN D 4 17.23 -8.98 -12.00
N MET D 5 17.42 -7.68 -12.13
CA MET D 5 16.30 -6.77 -12.34
C MET D 5 16.60 -5.98 -13.59
N THR D 6 15.88 -6.25 -14.66
CA THR D 6 16.17 -5.62 -15.94
C THR D 6 15.17 -4.48 -16.10
N GLN D 7 15.70 -3.28 -15.98
CA GLN D 7 14.91 -2.06 -15.98
C GLN D 7 15.03 -1.40 -17.33
N SER D 8 13.93 -0.98 -17.89
CA SER D 8 13.92 -0.27 -19.15
C SER D 8 12.82 0.78 -19.13
N PRO D 9 12.95 1.83 -19.95
CA PRO D 9 14.09 2.13 -20.81
C PRO D 9 15.20 2.66 -19.91
N SER D 10 16.45 2.75 -20.38
CA SER D 10 17.49 3.31 -19.51
C SER D 10 17.38 4.83 -19.41
N SER D 11 16.85 5.50 -20.44
CA SER D 11 16.66 6.94 -20.33
C SER D 11 15.36 7.29 -21.03
N LEU D 12 14.89 8.50 -20.80
CA LEU D 12 13.60 8.96 -21.28
C LEU D 12 13.54 10.47 -21.15
N SER D 13 13.25 11.21 -22.18
CA SER D 13 12.91 12.61 -21.95
C SER D 13 11.45 12.79 -22.35
N ALA D 14 10.67 13.41 -21.47
CA ALA D 14 9.23 13.52 -21.58
C ALA D 14 8.80 14.93 -21.19
N SER D 15 7.58 15.29 -21.59
CA SER D 15 7.06 16.63 -21.35
C SER D 15 6.27 16.68 -20.04
N VAL D 16 6.21 17.88 -19.45
CA VAL D 16 5.40 18.07 -18.24
C VAL D 16 3.95 17.74 -18.59
N GLY D 17 3.30 16.98 -17.71
CA GLY D 17 1.95 16.48 -17.95
C GLY D 17 1.85 15.08 -18.50
N ASP D 18 2.96 14.52 -19.02
CA ASP D 18 2.98 13.18 -19.63
C ASP D 18 2.82 12.09 -18.59
N ARG D 19 2.11 11.02 -18.96
CA ARG D 19 2.27 9.79 -18.20
C ARG D 19 3.63 9.19 -18.53
N VAL D 20 4.30 8.74 -17.49
CA VAL D 20 5.62 8.13 -17.60
C VAL D 20 5.49 6.72 -17.05
N THR D 21 6.01 5.74 -17.79
CA THR D 21 5.91 4.34 -17.43
C THR D 21 7.30 3.75 -17.45
N ILE D 22 7.76 3.27 -16.30
CA ILE D 22 9.07 2.67 -16.14
C ILE D 22 8.84 1.22 -15.73
N THR D 23 9.54 0.30 -16.39
CA THR D 23 9.34 -1.11 -16.08
C THR D 23 10.62 -1.76 -15.57
N CYS D 24 10.44 -2.86 -14.88
CA CYS D 24 11.52 -3.59 -14.28
C CYS D 24 11.14 -5.06 -14.28
N ARG D 25 11.94 -5.93 -14.89
CA ARG D 25 11.63 -7.36 -14.94
C ARG D 25 12.59 -8.15 -14.04
N ALA D 26 12.03 -8.90 -13.09
CA ALA D 26 12.82 -9.81 -12.26
C ALA D 26 13.05 -11.13 -12.96
N SER D 27 14.29 -11.63 -12.98
CA SER D 27 14.56 -12.89 -13.68
C SER D 27 13.88 -14.09 -13.02
N GLN D 28 13.40 -13.97 -11.79
CA GLN D 28 12.62 -15.01 -11.17
C GLN D 28 11.75 -14.33 -10.12
N SER D 29 10.90 -15.12 -9.46
CA SER D 29 9.90 -14.53 -8.59
C SER D 29 10.57 -13.83 -7.42
N VAL D 30 10.15 -12.60 -7.16
CA VAL D 30 10.49 -11.81 -5.99
C VAL D 30 9.24 -11.50 -5.17
N SER D 31 8.18 -12.29 -5.33
CA SER D 31 6.89 -12.03 -4.68
C SER D 31 6.56 -10.56 -4.89
N SER D 32 6.18 -9.83 -3.85
CA SER D 32 5.94 -8.39 -3.97
C SER D 32 7.06 -7.57 -3.35
N ALA D 33 8.25 -8.16 -3.17
CA ALA D 33 9.20 -7.47 -2.31
C ALA D 33 10.07 -6.51 -3.14
N VAL D 34 9.42 -5.53 -3.73
CA VAL D 34 10.07 -4.63 -4.68
C VAL D 34 9.88 -3.21 -4.19
N ALA D 35 10.92 -2.41 -4.29
CA ALA D 35 10.89 -1.01 -3.90
C ALA D 35 11.29 -0.17 -5.10
N TRP D 36 10.84 1.08 -5.12
CA TRP D 36 11.24 2.04 -6.14
C TRP D 36 11.83 3.26 -5.47
N TYR D 37 12.90 3.81 -6.04
CA TYR D 37 13.58 4.98 -5.52
C TYR D 37 13.73 6.06 -6.58
N GLN D 38 13.81 7.28 -6.12
CA GLN D 38 14.17 8.43 -6.92
C GLN D 38 15.53 8.97 -6.47
N GLN D 39 16.39 9.28 -7.42
CA GLN D 39 17.69 9.86 -7.08
C GLN D 39 17.95 11.08 -7.95
N LYS D 40 18.19 12.21 -7.32
CA LYS D 40 18.63 13.37 -8.08
C LYS D 40 20.16 13.46 -8.03
N PRO D 41 20.80 14.09 -9.01
CA PRO D 41 22.27 14.04 -9.08
C PRO D 41 22.94 14.53 -7.80
N GLY D 42 23.90 13.76 -7.31
CA GLY D 42 24.65 14.16 -6.16
C GLY D 42 23.92 13.96 -4.85
N LYS D 43 22.72 13.37 -4.86
CA LYS D 43 21.93 13.19 -3.67
C LYS D 43 21.79 11.72 -3.39
N ALA D 44 21.37 11.40 -2.16
CA ALA D 44 21.01 10.02 -1.86
C ALA D 44 19.65 9.70 -2.47
N PRO D 45 19.39 8.43 -2.75
CA PRO D 45 18.07 8.03 -3.22
C PRO D 45 17.03 8.25 -2.15
N LYS D 46 15.77 8.38 -2.61
CA LYS D 46 14.61 8.53 -1.74
C LYS D 46 13.65 7.40 -2.03
N LEU D 47 13.12 6.79 -0.97
CA LEU D 47 12.13 5.74 -1.19
C LEU D 47 10.81 6.32 -1.75
N LEU D 48 10.28 5.72 -2.81
CA LEU D 48 8.98 6.12 -3.38
C LEU D 48 7.89 5.11 -3.11
N ILE D 49 8.16 3.84 -3.36
CA ILE D 49 7.16 2.79 -3.33
C ILE D 49 7.75 1.62 -2.57
N TYR D 50 6.97 0.96 -1.74
CA TYR D 50 7.49 -0.25 -1.13
C TYR D 50 6.49 -1.38 -1.33
N SER D 51 6.95 -2.60 -1.17
CA SER D 51 6.06 -3.75 -1.32
C SER D 51 5.28 -3.69 -2.65
N ALA D 52 6.01 -3.29 -3.69
CA ALA D 52 5.58 -3.18 -5.09
C ALA D 52 4.55 -2.09 -5.35
N SER D 53 3.68 -1.77 -4.37
CA SER D 53 2.60 -0.85 -4.69
C SER D 53 2.14 0.09 -3.57
N SER D 54 2.80 0.12 -2.42
CA SER D 54 2.39 1.01 -1.34
C SER D 54 3.14 2.32 -1.48
N LEU D 55 2.43 3.43 -1.42
CA LEU D 55 3.08 4.72 -1.54
C LEU D 55 3.72 5.09 -0.22
N TYR D 56 5.01 5.41 -0.25
CA TYR D 56 5.73 5.75 0.96
C TYR D 56 5.21 7.09 1.48
N SER D 57 5.14 7.23 2.78
CA SER D 57 4.63 8.47 3.37
C SER D 57 5.42 9.68 2.89
N GLY D 58 4.71 10.78 2.58
CA GLY D 58 5.35 11.98 2.08
C GLY D 58 5.51 12.05 0.56
N VAL D 59 5.33 10.95 -0.15
CA VAL D 59 5.48 10.94 -1.61
C VAL D 59 4.16 11.33 -2.29
N PRO D 60 4.17 12.17 -3.33
CA PRO D 60 2.92 12.56 -4.00
C PRO D 60 2.21 11.37 -4.63
N SER D 61 0.89 11.45 -4.64
CA SER D 61 0.07 10.35 -5.17
C SER D 61 0.17 10.18 -6.68
N ARG D 62 0.71 11.15 -7.41
CA ARG D 62 0.95 10.90 -8.83
C ARG D 62 1.96 9.75 -9.04
N PHE D 63 2.73 9.38 -8.03
CA PHE D 63 3.57 8.18 -8.12
C PHE D 63 2.75 6.96 -7.74
N SER D 64 2.87 5.88 -8.54
CA SER D 64 2.25 4.61 -8.19
C SER D 64 3.07 3.44 -8.74
N GLY D 65 2.87 2.26 -8.16
CA GLY D 65 3.61 1.09 -8.57
C GLY D 65 2.68 -0.11 -8.67
N SER D 66 3.06 -1.07 -9.54
CA SER D 66 2.23 -2.26 -9.67
C SER D 66 3.05 -3.47 -10.06
N ARG D 67 2.44 -4.65 -9.87
CA ARG D 67 3.08 -5.93 -10.10
C ARG D 67 2.22 -6.79 -11.02
N SER D 68 2.86 -7.48 -11.96
CA SER D 68 2.19 -8.50 -12.77
C SER D 68 3.18 -9.66 -12.92
N GLY D 69 3.09 -10.64 -12.01
CA GLY D 69 4.08 -11.70 -12.06
C GLY D 69 5.45 -11.16 -11.68
N THR D 70 6.44 -11.26 -12.58
CA THR D 70 7.81 -10.77 -12.34
C THR D 70 8.07 -9.42 -13.00
N ASP D 71 7.06 -8.81 -13.60
CA ASP D 71 7.20 -7.50 -14.22
C ASP D 71 6.64 -6.45 -13.28
N PHE D 72 7.43 -5.42 -12.99
CA PHE D 72 7.06 -4.33 -12.09
C PHE D 72 7.11 -3.01 -12.85
N THR D 73 6.15 -2.13 -12.52
CA THR D 73 6.01 -0.83 -13.16
C THR D 73 5.95 0.30 -12.13
N LEU D 74 6.64 1.39 -12.43
CA LEU D 74 6.46 2.66 -11.74
C LEU D 74 5.82 3.58 -12.74
N THR D 75 4.72 4.21 -12.33
CA THR D 75 3.97 5.13 -13.16
C THR D 75 3.97 6.49 -12.48
N ILE D 76 4.22 7.52 -13.27
CA ILE D 76 3.94 8.90 -12.87
C ILE D 76 2.81 9.35 -13.77
N SER D 77 1.65 9.60 -13.17
CA SER D 77 0.47 9.87 -13.98
C SER D 77 0.57 11.20 -14.73
N SER D 78 1.28 12.17 -14.17
CA SER D 78 1.43 13.48 -14.81
C SER D 78 2.79 14.03 -14.37
N LEU D 79 3.78 13.91 -15.23
CA LEU D 79 5.13 14.32 -14.89
C LEU D 79 5.19 15.79 -14.50
N GLN D 80 5.79 16.08 -13.35
CA GLN D 80 5.95 17.44 -12.88
C GLN D 80 7.39 17.90 -13.07
N PRO D 81 7.66 19.21 -13.13
CA PRO D 81 9.02 19.66 -13.44
C PRO D 81 10.06 19.18 -12.42
N GLU D 82 9.67 19.02 -11.15
CA GLU D 82 10.57 18.53 -10.10
C GLU D 82 10.85 17.03 -10.19
N ASP D 83 10.33 16.32 -11.19
CA ASP D 83 10.44 14.87 -11.21
C ASP D 83 11.61 14.37 -12.05
N PHE D 84 12.34 15.28 -12.68
CA PHE D 84 13.60 14.90 -13.28
C PHE D 84 14.43 14.19 -12.22
N ALA D 85 14.90 12.99 -12.56
CA ALA D 85 15.72 12.20 -11.66
C ALA D 85 16.08 10.91 -12.37
N THR D 86 16.90 10.07 -11.74
CA THR D 86 17.02 8.67 -12.13
C THR D 86 16.24 7.80 -11.15
N TYR D 87 15.39 6.94 -11.69
CA TYR D 87 14.53 6.08 -10.89
C TYR D 87 15.08 4.66 -10.91
N TYR D 88 15.05 3.99 -9.76
CA TYR D 88 15.60 2.65 -9.60
C TYR D 88 14.57 1.75 -8.98
N CYS D 89 14.48 0.52 -9.46
CA CYS D 89 13.73 -0.53 -8.77
C CYS D 89 14.71 -1.40 -8.03
N GLN D 90 14.20 -2.07 -7.00
CA GLN D 90 15.06 -2.95 -6.22
C GLN D 90 14.25 -4.15 -5.76
N GLN D 91 14.83 -5.35 -5.84
CA GLN D 91 14.26 -6.52 -5.19
C GLN D 91 14.96 -6.80 -3.86
N SER D 92 14.16 -7.01 -2.80
CA SER D 92 14.66 -7.47 -1.51
C SER D 92 13.92 -8.72 -1.09
N TYR D 93 13.67 -9.58 -2.06
CA TYR D 93 13.04 -10.86 -1.77
C TYR D 93 14.06 -11.83 -1.19
N SER D 94 15.28 -11.75 -1.68
CA SER D 94 16.30 -12.66 -1.21
C SER D 94 17.65 -11.96 -1.34
N PHE D 95 18.65 -12.43 -0.51
CA PHE D 95 19.99 -11.89 -0.66
C PHE D 95 20.74 -12.68 -1.71
N PRO D 96 21.61 -12.02 -2.50
CA PRO D 96 21.93 -10.58 -2.52
C PRO D 96 20.84 -9.72 -3.10
N SER D 97 20.59 -8.55 -2.51
CA SER D 97 19.66 -7.62 -3.11
C SER D 97 20.19 -7.08 -4.45
N THR D 98 19.28 -6.73 -5.35
CA THR D 98 19.63 -6.30 -6.72
C THR D 98 18.85 -5.04 -7.04
N PHE D 99 19.53 -4.04 -7.58
CA PHE D 99 18.86 -2.89 -8.15
C PHE D 99 18.77 -3.07 -9.67
N GLY D 100 17.75 -2.51 -10.28
CA GLY D 100 17.83 -2.29 -11.69
C GLY D 100 18.81 -1.18 -12.00
N GLN D 101 19.15 -1.09 -13.29
CA GLN D 101 20.19 -0.16 -13.71
C GLN D 101 19.71 1.30 -13.77
N GLY D 102 18.45 1.58 -13.52
CA GLY D 102 18.06 2.97 -13.47
C GLY D 102 17.47 3.44 -14.79
N THR D 103 16.51 4.37 -14.69
CA THR D 103 15.92 5.10 -15.79
C THR D 103 16.16 6.58 -15.54
N LYS D 104 16.90 7.22 -16.43
CA LYS D 104 17.15 8.63 -16.26
C LYS D 104 16.06 9.37 -16.99
N VAL D 105 15.31 10.17 -16.24
CA VAL D 105 14.17 10.90 -16.75
C VAL D 105 14.56 12.36 -16.87
N GLU D 106 14.39 12.91 -18.06
CA GLU D 106 14.71 14.31 -18.33
C GLU D 106 13.51 14.98 -18.95
N ILE D 107 13.54 16.32 -18.91
CA ILE D 107 12.38 17.15 -19.20
C ILE D 107 12.56 17.80 -20.56
N LYS D 108 11.58 17.61 -21.45
CA LYS D 108 11.62 18.29 -22.74
C LYS D 108 11.44 19.79 -22.60
N ARG D 109 11.89 20.51 -23.63
CA ARG D 109 11.64 21.95 -23.76
C ARG D 109 11.86 22.34 -25.20
N THR D 110 11.65 23.63 -25.49
CA THR D 110 11.81 24.13 -26.86
C THR D 110 13.28 24.19 -27.26
N VAL D 111 13.51 24.15 -28.57
CA VAL D 111 14.86 24.28 -29.09
C VAL D 111 15.44 25.60 -28.61
N ALA D 112 16.67 25.55 -28.10
CA ALA D 112 17.42 26.74 -27.73
C ALA D 112 18.80 26.64 -28.37
N ALA D 113 19.18 27.66 -29.12
CA ALA D 113 20.50 27.67 -29.72
C ALA D 113 21.55 28.06 -28.68
N PRO D 114 22.78 27.57 -28.82
CA PRO D 114 23.81 27.89 -27.85
C PRO D 114 24.52 29.18 -28.18
N SER D 115 24.92 29.89 -27.12
CA SER D 115 25.78 31.04 -27.25
C SER D 115 27.21 30.60 -26.93
N VAL D 116 28.14 30.96 -27.79
CA VAL D 116 29.45 30.32 -27.86
C VAL D 116 30.53 31.31 -27.51
N PHE D 117 31.53 30.86 -26.76
CA PHE D 117 32.68 31.66 -26.35
C PHE D 117 33.95 30.86 -26.53
N ILE D 118 35.02 31.55 -26.92
CA ILE D 118 36.35 30.97 -27.09
C ILE D 118 37.28 31.57 -26.04
N PHE D 119 38.22 30.76 -25.55
CA PHE D 119 39.14 31.21 -24.51
C PHE D 119 40.58 30.85 -24.86
N PRO D 120 41.46 31.83 -25.10
CA PRO D 120 42.86 31.52 -25.30
C PRO D 120 43.50 31.07 -23.99
N PRO D 121 44.58 30.29 -24.06
CA PRO D 121 45.23 29.86 -22.82
C PRO D 121 45.82 31.07 -22.10
N SER D 122 45.85 30.98 -20.78
CA SER D 122 46.49 32.03 -20.01
C SER D 122 48.00 31.94 -20.23
N ASP D 123 48.65 33.12 -20.20
CA ASP D 123 50.10 33.14 -20.30
C ASP D 123 50.74 32.35 -19.16
N GLU D 124 50.07 32.27 -18.01
CA GLU D 124 50.59 31.51 -16.89
C GLU D 124 50.70 30.03 -17.25
N GLN D 125 49.68 29.49 -17.93
CA GLN D 125 49.74 28.10 -18.36
C GLN D 125 50.73 27.89 -19.50
N LEU D 126 50.80 28.85 -20.43
CA LEU D 126 51.81 28.76 -21.48
C LEU D 126 53.20 28.81 -20.89
N LYS D 127 53.38 29.62 -19.85
CA LYS D 127 54.64 29.63 -19.11
C LYS D 127 55.00 28.22 -18.66
N SER D 128 54.00 27.45 -18.24
CA SER D 128 54.24 26.08 -17.79
C SER D 128 54.71 25.20 -18.94
N GLY D 129 54.12 25.34 -20.13
CA GLY D 129 54.55 24.55 -21.26
C GLY D 129 53.43 23.85 -21.97
N THR D 130 52.23 23.94 -21.42
CA THR D 130 51.02 23.40 -22.03
C THR D 130 50.09 24.53 -22.42
N ALA D 131 49.28 24.28 -23.44
CA ALA D 131 48.26 25.22 -23.88
C ALA D 131 46.91 24.53 -23.83
N SER D 132 45.98 25.13 -23.09
CA SER D 132 44.59 24.67 -23.03
C SER D 132 43.72 25.74 -23.66
N VAL D 133 43.13 25.43 -24.80
CA VAL D 133 42.16 26.30 -25.44
C VAL D 133 40.76 25.77 -25.11
N VAL D 134 39.87 26.67 -24.71
CA VAL D 134 38.56 26.28 -24.18
C VAL D 134 37.47 26.93 -25.01
N CYS D 135 36.45 26.14 -25.36
CA CYS D 135 35.27 26.56 -26.07
C CYS D 135 34.03 26.27 -25.23
N LEU D 136 33.19 27.28 -25.03
CA LEU D 136 32.02 27.18 -24.18
C LEU D 136 30.74 27.26 -24.99
N LEU D 137 29.88 26.26 -24.83
CA LEU D 137 28.52 26.26 -25.35
C LEU D 137 27.55 26.46 -24.20
N ASN D 138 26.82 27.57 -24.20
CA ASN D 138 26.04 27.98 -23.04
C ASN D 138 24.54 27.86 -23.32
N ASN D 139 23.85 27.11 -22.45
CA ASN D 139 22.40 27.17 -22.28
C ASN D 139 21.64 26.85 -23.56
N PHE D 140 21.76 25.59 -23.98
CA PHE D 140 21.10 25.12 -25.20
C PHE D 140 20.26 23.88 -24.93
N TYR D 141 19.37 23.58 -25.89
CA TYR D 141 18.57 22.35 -25.90
C TYR D 141 18.23 22.04 -27.35
N PRO D 142 18.26 20.77 -27.76
CA PRO D 142 18.56 19.56 -26.98
C PRO D 142 20.05 19.36 -26.78
N ARG D 143 20.42 18.25 -26.14
CA ARG D 143 21.79 18.01 -25.70
C ARG D 143 22.75 17.79 -26.87
N GLU D 144 22.29 17.13 -27.93
CA GLU D 144 23.18 16.71 -29.01
C GLU D 144 23.72 17.94 -29.73
N ALA D 145 25.05 18.03 -29.80
CA ALA D 145 25.74 19.13 -30.46
C ALA D 145 27.12 18.64 -30.87
N LYS D 146 27.68 19.29 -31.88
CA LYS D 146 28.96 18.92 -32.47
C LYS D 146 29.91 20.10 -32.34
N VAL D 147 31.12 19.83 -31.85
CA VAL D 147 32.15 20.84 -31.73
C VAL D 147 33.36 20.35 -32.52
N GLN D 148 33.84 21.20 -33.42
CA GLN D 148 35.02 20.92 -34.21
C GLN D 148 36.06 22.01 -34.03
N TRP D 149 37.28 21.61 -33.72
CA TRP D 149 38.39 22.55 -33.59
C TRP D 149 39.13 22.68 -34.91
N LYS D 150 39.51 23.92 -35.22
CA LYS D 150 40.32 24.22 -36.39
C LYS D 150 41.51 25.06 -35.94
N VAL D 151 42.69 24.76 -36.49
CA VAL D 151 43.91 25.49 -36.19
C VAL D 151 44.54 25.84 -37.53
N ASP D 152 44.55 27.13 -37.87
CA ASP D 152 44.98 27.60 -39.18
C ASP D 152 44.24 26.85 -40.29
N ASN D 153 42.93 26.67 -40.06
CA ASN D 153 41.94 26.00 -40.92
C ASN D 153 42.00 24.46 -40.87
N ALA D 154 42.87 23.86 -40.07
CA ALA D 154 43.03 22.41 -40.07
C ALA D 154 42.12 21.74 -39.04
N LEU D 155 41.37 20.73 -39.49
CA LEU D 155 40.43 20.05 -38.62
C LEU D 155 41.19 19.16 -37.63
N GLN D 156 40.77 19.22 -36.37
CA GLN D 156 41.39 18.45 -35.29
C GLN D 156 40.53 17.24 -34.94
N SER D 157 41.18 16.16 -34.54
CA SER D 157 40.47 15.01 -34.03
C SER D 157 41.33 14.35 -32.97
N GLY D 158 40.72 13.98 -31.85
CA GLY D 158 41.37 13.19 -30.84
C GLY D 158 42.29 13.92 -29.90
N ASN D 159 42.41 15.25 -30.02
CA ASN D 159 43.17 16.06 -29.08
C ASN D 159 42.28 17.02 -28.30
N SER D 160 41.01 16.68 -28.15
CA SER D 160 40.06 17.51 -27.43
C SER D 160 39.25 16.62 -26.51
N GLN D 161 38.64 17.25 -25.50
CA GLN D 161 37.73 16.56 -24.60
C GLN D 161 36.55 17.47 -24.30
N GLU D 162 35.37 16.86 -24.16
CA GLU D 162 34.12 17.57 -23.94
C GLU D 162 33.56 17.23 -22.57
N SER D 163 32.77 18.14 -22.04
CA SER D 163 32.12 17.97 -20.75
C SER D 163 30.80 18.70 -20.84
N VAL D 164 29.73 18.07 -20.35
CA VAL D 164 28.37 18.63 -20.42
C VAL D 164 27.73 18.64 -19.04
N THR D 165 27.16 19.79 -18.66
CA THR D 165 26.43 19.88 -17.40
C THR D 165 25.13 19.10 -17.46
N GLU D 166 24.60 18.78 -16.27
CA GLU D 166 23.25 18.25 -16.19
C GLU D 166 22.24 19.34 -16.55
N GLN D 167 21.04 18.89 -16.92
CA GLN D 167 19.96 19.82 -17.27
C GLN D 167 19.68 20.75 -16.09
N ASP D 168 19.60 22.06 -16.37
CA ASP D 168 19.46 23.02 -15.29
C ASP D 168 18.10 22.88 -14.62
N SER D 169 18.08 23.11 -13.31
CA SER D 169 16.85 22.95 -12.54
C SER D 169 15.75 23.87 -13.06
N LYS D 170 16.12 25.08 -13.46
CA LYS D 170 15.14 26.09 -13.81
C LYS D 170 14.82 26.14 -15.31
N ASP D 171 15.80 26.45 -16.16
CA ASP D 171 15.48 26.63 -17.57
C ASP D 171 15.61 25.36 -18.39
N SER D 172 16.06 24.27 -17.78
CA SER D 172 16.13 22.94 -18.41
C SER D 172 17.05 22.92 -19.63
N THR D 173 18.12 23.71 -19.66
CA THR D 173 19.06 23.66 -20.78
C THR D 173 20.35 22.95 -20.38
N TYR D 174 21.25 22.84 -21.34
CA TYR D 174 22.56 22.27 -21.07
C TYR D 174 23.64 23.28 -21.43
N SER D 175 24.82 23.06 -20.89
CA SER D 175 26.02 23.77 -21.31
C SER D 175 27.13 22.76 -21.52
N LEU D 176 28.08 23.12 -22.37
CA LEU D 176 29.11 22.20 -22.80
C LEU D 176 30.42 22.96 -22.89
N SER D 177 31.49 22.35 -22.38
CA SER D 177 32.84 22.87 -22.55
C SER D 177 33.64 21.90 -23.39
N SER D 178 34.36 22.42 -24.38
CA SER D 178 35.30 21.62 -25.16
C SER D 178 36.69 22.21 -24.99
N THR D 179 37.65 21.39 -24.57
CA THR D 179 39.00 21.86 -24.30
C THR D 179 39.98 21.22 -25.27
N LEU D 180 40.73 22.08 -25.98
CA LEU D 180 41.79 21.65 -26.89
C LEU D 180 43.13 21.79 -26.18
N THR D 181 43.84 20.68 -26.02
CA THR D 181 45.10 20.64 -25.30
C THR D 181 46.26 20.49 -26.29
N LEU D 182 47.24 21.39 -26.19
CA LEU D 182 48.41 21.40 -27.07
C LEU D 182 49.66 21.70 -26.26
N SER D 183 50.80 21.18 -26.75
CA SER D 183 52.09 21.58 -26.21
C SER D 183 52.37 23.02 -26.61
N LYS D 184 53.17 23.71 -25.80
CA LYS D 184 53.46 25.10 -26.11
C LYS D 184 54.15 25.23 -27.45
N ALA D 185 55.03 24.28 -27.78
CA ALA D 185 55.72 24.33 -29.07
C ALA D 185 54.72 24.29 -30.20
N ASP D 186 53.75 23.38 -30.13
CA ASP D 186 52.73 23.30 -31.18
C ASP D 186 51.78 24.48 -31.12
N TYR D 187 51.58 25.06 -29.93
CA TYR D 187 50.74 26.24 -29.83
C TYR D 187 51.38 27.43 -30.54
N GLU D 188 52.67 27.65 -30.33
CA GLU D 188 53.33 28.81 -30.93
C GLU D 188 53.56 28.66 -32.43
N LYS D 189 53.34 27.47 -32.98
CA LYS D 189 53.54 27.28 -34.41
C LYS D 189 52.40 27.86 -35.23
N HIS D 190 51.19 27.93 -34.68
CA HIS D 190 50.03 28.39 -35.43
C HIS D 190 49.44 29.63 -34.78
N LYS D 191 48.67 30.39 -35.57
CA LYS D 191 48.19 31.70 -35.17
C LYS D 191 46.70 31.74 -34.86
N VAL D 192 45.87 31.16 -35.72
CA VAL D 192 44.43 31.33 -35.66
C VAL D 192 43.80 30.05 -35.12
N TYR D 193 43.14 30.15 -33.96
CA TYR D 193 42.45 29.04 -33.32
C TYR D 193 40.95 29.32 -33.34
N ALA D 194 40.18 28.36 -33.85
CA ALA D 194 38.75 28.54 -34.05
C ALA D 194 37.97 27.36 -33.50
N CYS D 195 36.74 27.64 -33.11
CA CYS D 195 35.81 26.65 -32.58
C CYS D 195 34.51 26.74 -33.37
N GLU D 196 34.11 25.63 -33.99
CA GLU D 196 32.91 25.58 -34.80
C GLU D 196 31.88 24.67 -34.15
N VAL D 197 30.64 25.15 -34.07
CA VAL D 197 29.56 24.47 -33.39
C VAL D 197 28.45 24.22 -34.39
N THR D 198 27.93 23.01 -34.39
CA THR D 198 26.72 22.68 -35.14
C THR D 198 25.66 22.24 -34.14
N HIS D 199 24.46 22.78 -34.27
CA HIS D 199 23.37 22.45 -33.37
C HIS D 199 22.08 22.66 -34.13
N GLN D 200 21.04 21.94 -33.71
CA GLN D 200 19.80 22.07 -34.45
C GLN D 200 19.20 23.45 -34.26
N GLY D 201 19.57 24.16 -33.18
CA GLY D 201 19.09 25.51 -32.95
C GLY D 201 19.77 26.61 -33.74
N LEU D 202 20.76 26.29 -34.57
CA LEU D 202 21.46 27.27 -35.38
C LEU D 202 21.16 26.99 -36.84
N SER D 203 20.58 27.97 -37.52
CA SER D 203 20.32 27.83 -38.95
C SER D 203 21.62 27.60 -39.71
N SER D 204 22.68 28.28 -39.30
CA SER D 204 24.01 28.10 -39.85
C SER D 204 24.98 27.88 -38.69
N PRO D 205 26.03 27.09 -38.90
CA PRO D 205 27.00 26.86 -37.82
C PRO D 205 27.64 28.18 -37.40
N VAL D 206 27.97 28.25 -36.12
CA VAL D 206 28.58 29.45 -35.53
C VAL D 206 30.03 29.14 -35.21
N THR D 207 30.90 30.11 -35.44
CA THR D 207 32.34 29.94 -35.21
C THR D 207 32.89 31.16 -34.49
N LYS D 208 33.54 30.93 -33.35
CA LYS D 208 34.29 31.96 -32.65
C LYS D 208 35.78 31.62 -32.72
N SER D 209 36.63 32.63 -32.84
CA SER D 209 38.05 32.37 -33.03
C SER D 209 38.88 33.51 -32.47
N PHE D 210 40.21 33.31 -32.47
CA PHE D 210 41.13 34.35 -32.07
C PHE D 210 42.49 34.11 -32.72
N ASN D 211 43.30 35.16 -32.73
CA ASN D 211 44.69 35.09 -33.16
C ASN D 211 45.59 35.05 -31.94
N ARG D 212 46.47 34.05 -31.89
CA ARG D 212 47.37 33.86 -30.75
C ARG D 212 48.12 35.14 -30.39
N GLY D 213 47.89 35.63 -29.16
CA GLY D 213 48.59 36.81 -28.69
C GLY D 213 48.27 38.06 -29.47
N GLU D 214 47.04 38.57 -29.37
CA GLU D 214 46.68 39.73 -30.17
C GLU D 214 47.47 40.99 -29.78
N CYS D 215 47.29 41.46 -28.55
CA CYS D 215 47.86 42.73 -28.08
C CYS D 215 47.82 43.85 -29.13
N GLU E 4 -6.65 -4.23 22.76
CA GLU E 4 -6.27 -2.98 23.42
C GLU E 4 -7.19 -1.82 23.07
N VAL E 5 -7.32 -1.55 21.77
CA VAL E 5 -8.30 -0.59 21.29
C VAL E 5 -9.66 -1.24 21.35
N GLN E 6 -10.63 -0.54 21.91
CA GLN E 6 -11.98 -1.07 21.93
C GLN E 6 -12.99 0.03 21.73
N LEU E 7 -14.12 -0.37 21.18
CA LEU E 7 -15.27 0.48 20.96
C LEU E 7 -16.47 -0.28 21.47
N VAL E 8 -17.13 0.25 22.49
CA VAL E 8 -18.27 -0.41 23.10
C VAL E 8 -19.51 0.41 22.82
N GLU E 9 -20.46 -0.15 22.08
CA GLU E 9 -21.67 0.61 21.79
C GLU E 9 -22.79 0.17 22.70
N SER E 10 -23.75 1.08 22.85
CA SER E 10 -24.91 0.85 23.71
C SER E 10 -26.01 1.83 23.32
N GLY E 11 -27.19 1.62 23.88
CA GLY E 11 -28.30 2.47 23.57
C GLY E 11 -29.25 1.96 22.50
N GLY E 12 -29.00 0.79 21.91
CA GLY E 12 -29.94 0.29 20.92
C GLY E 12 -31.23 -0.20 21.57
N GLY E 13 -32.23 -0.50 20.77
CA GLY E 13 -33.48 -1.01 21.32
C GLY E 13 -34.62 -0.85 20.32
N LEU E 14 -35.83 -0.96 20.84
CA LEU E 14 -37.05 -0.85 20.05
C LEU E 14 -37.60 0.56 20.19
N VAL E 15 -37.99 1.17 19.07
CA VAL E 15 -38.51 2.52 19.02
C VAL E 15 -39.67 2.58 18.03
N GLN E 16 -40.65 3.43 18.35
CA GLN E 16 -41.74 3.64 17.43
C GLN E 16 -41.32 4.56 16.30
N PRO E 17 -41.94 4.39 15.13
CA PRO E 17 -41.74 5.32 14.00
C PRO E 17 -42.03 6.75 14.41
N GLY E 18 -41.21 7.67 13.93
CA GLY E 18 -41.27 9.02 14.40
C GLY E 18 -40.49 9.25 15.67
N GLY E 19 -40.11 8.19 16.38
CA GLY E 19 -39.39 8.33 17.63
C GLY E 19 -37.89 8.63 17.49
N SER E 20 -37.20 8.47 18.60
CA SER E 20 -35.91 9.10 18.87
C SER E 20 -35.05 8.08 19.59
N LEU E 21 -33.74 8.14 19.38
CA LEU E 21 -32.85 7.24 20.11
C LEU E 21 -31.45 7.80 20.02
N ARG E 22 -30.66 7.66 21.09
CA ARG E 22 -29.25 8.06 21.07
C ARG E 22 -28.37 6.84 21.25
N LEU E 23 -27.49 6.60 20.28
CA LEU E 23 -26.47 5.57 20.44
C LEU E 23 -25.19 6.22 20.96
N SER E 24 -24.48 5.49 21.79
CA SER E 24 -23.17 5.94 22.20
C SER E 24 -22.15 4.85 21.95
N CYS E 25 -20.91 5.30 21.84
CA CYS E 25 -19.78 4.48 21.43
C CYS E 25 -18.61 4.87 22.34
N ALA E 26 -18.36 4.08 23.38
CA ALA E 26 -17.35 4.44 24.37
C ALA E 26 -16.03 3.83 23.95
N ALA E 27 -15.05 4.69 23.65
CA ALA E 27 -13.72 4.23 23.24
C ALA E 27 -12.84 3.98 24.45
N SER E 28 -12.00 2.95 24.36
CA SER E 28 -10.97 2.73 25.34
C SER E 28 -9.70 2.26 24.62
N GLY E 29 -8.53 2.67 25.14
CA GLY E 29 -7.23 2.34 24.59
C GLY E 29 -6.73 3.28 23.51
N PHE E 30 -7.53 4.28 23.15
CA PHE E 30 -7.17 5.36 22.26
C PHE E 30 -8.15 6.47 22.59
N TYR E 31 -7.83 7.70 22.17
CA TYR E 31 -8.73 8.84 22.34
C TYR E 31 -9.29 9.30 21.00
N ILE E 32 -10.62 9.43 20.93
CA ILE E 32 -11.24 9.71 19.64
C ILE E 32 -10.89 11.09 19.11
N SER E 33 -10.35 11.97 19.95
CA SER E 33 -10.03 13.30 19.46
C SER E 33 -8.93 13.29 18.40
N TYR E 34 -8.22 12.17 18.20
CA TYR E 34 -7.18 12.10 17.20
C TYR E 34 -7.57 11.32 15.95
N SER E 35 -8.82 10.88 15.84
CA SER E 35 -9.30 9.99 14.79
C SER E 35 -10.67 10.44 14.30
N SER E 36 -11.01 10.05 13.07
CA SER E 36 -12.36 10.09 12.56
C SER E 36 -13.14 8.91 13.12
N ILE E 37 -14.35 9.18 13.58
CA ILE E 37 -15.29 8.15 14.02
C ILE E 37 -16.45 8.07 13.04
N HIS E 38 -16.85 6.85 12.71
CA HIS E 38 -17.89 6.58 11.74
C HIS E 38 -18.95 5.72 12.36
N TRP E 39 -20.16 5.82 11.82
CA TRP E 39 -21.24 4.89 12.10
C TRP E 39 -21.65 4.18 10.81
N VAL E 40 -21.77 2.87 10.88
CA VAL E 40 -22.12 2.03 9.76
C VAL E 40 -23.18 1.08 10.27
N ARG E 41 -24.19 0.80 9.45
CA ARG E 41 -25.29 -0.06 9.83
C ARG E 41 -25.48 -1.16 8.82
N GLN E 42 -26.18 -2.19 9.25
CA GLN E 42 -26.41 -3.37 8.44
C GLN E 42 -27.81 -3.90 8.74
N ALA E 43 -28.74 -3.70 7.79
CA ALA E 43 -30.09 -4.23 7.97
C ALA E 43 -30.01 -5.76 8.10
N PRO E 44 -30.93 -6.36 8.83
CA PRO E 44 -30.91 -7.82 8.97
C PRO E 44 -30.81 -8.49 7.61
N GLY E 45 -29.75 -9.27 7.39
CA GLY E 45 -29.57 -9.96 6.13
C GLY E 45 -29.07 -9.14 4.97
N LYS E 46 -28.63 -7.91 5.18
CA LYS E 46 -28.20 -7.02 4.10
C LYS E 46 -26.70 -6.68 4.29
N GLY E 47 -26.21 -5.79 3.44
CA GLY E 47 -24.83 -5.35 3.48
C GLY E 47 -24.58 -4.15 4.39
N LEU E 48 -23.33 -3.75 4.45
CA LEU E 48 -22.94 -2.58 5.20
C LEU E 48 -23.49 -1.33 4.55
N GLU E 49 -23.92 -0.36 5.36
CA GLU E 49 -24.34 0.93 4.82
C GLU E 49 -23.80 2.04 5.70
N TRP E 50 -22.94 2.88 5.14
CA TRP E 50 -22.34 3.99 5.88
C TRP E 50 -23.41 4.99 6.25
N VAL E 51 -23.34 5.52 7.47
CA VAL E 51 -24.40 6.37 8.02
C VAL E 51 -23.91 7.80 8.24
N ALA E 52 -22.77 7.97 8.93
CA ALA E 52 -22.23 9.26 9.34
C ALA E 52 -20.81 9.11 9.84
N SER E 53 -20.11 10.25 9.84
CA SER E 53 -18.78 10.32 10.40
C SER E 53 -18.54 11.72 10.94
N ILE E 54 -17.56 11.84 11.86
CA ILE E 54 -17.16 13.13 12.38
C ILE E 54 -15.65 13.22 12.34
N SER E 55 -15.12 14.38 11.76
CA SER E 55 -13.70 14.55 11.48
C SER E 55 -13.00 15.08 12.73
N PRO E 56 -11.76 14.73 12.97
CA PRO E 56 -11.07 15.26 14.16
C PRO E 56 -10.62 16.69 13.91
N TYR E 57 -10.49 17.41 15.02
CA TYR E 57 -9.95 18.77 15.15
C TYR E 57 -10.89 19.86 14.62
N SER E 58 -11.72 19.53 13.65
CA SER E 58 -12.67 20.51 13.16
C SER E 58 -14.09 20.20 13.60
N GLY E 59 -14.36 18.96 13.97
CA GLY E 59 -15.72 18.52 14.23
C GLY E 59 -16.64 18.54 13.01
N SER E 60 -16.09 18.70 11.81
CA SER E 60 -16.91 18.62 10.60
C SER E 60 -17.67 17.29 10.61
N THR E 61 -18.92 17.30 10.15
CA THR E 61 -19.79 16.12 10.16
C THR E 61 -20.29 15.80 8.75
N TYR E 62 -20.46 14.49 8.49
CA TYR E 62 -20.93 13.99 7.20
C TYR E 62 -21.99 12.93 7.46
N TYR E 63 -22.95 12.88 6.55
CA TYR E 63 -24.10 12.01 6.71
C TYR E 63 -24.49 11.40 5.37
N ALA E 64 -25.02 10.18 5.43
CA ALA E 64 -25.60 9.53 4.28
C ALA E 64 -26.87 10.28 3.85
N ASP E 65 -27.18 10.15 2.56
CA ASP E 65 -28.31 10.82 1.92
C ASP E 65 -29.62 10.64 2.69
N SER E 66 -29.92 9.40 3.10
CA SER E 66 -31.20 9.03 3.72
C SER E 66 -31.35 9.54 5.16
N VAL E 67 -30.24 9.79 5.85
CA VAL E 67 -30.31 10.16 7.26
C VAL E 67 -29.97 11.60 7.52
N LYS E 68 -29.42 12.32 6.53
CA LYS E 68 -29.03 13.70 6.76
C LYS E 68 -30.23 14.52 7.22
N GLY E 69 -29.99 15.43 8.18
CA GLY E 69 -31.03 16.24 8.75
C GLY E 69 -31.87 15.54 9.79
N ARG E 70 -31.84 14.21 9.84
CA ARG E 70 -32.57 13.48 10.87
C ARG E 70 -31.63 13.00 11.99
N PHE E 71 -30.39 12.69 11.63
CA PHE E 71 -29.36 12.17 12.53
C PHE E 71 -28.29 13.23 12.81
N THR E 72 -27.71 13.17 13.99
CA THR E 72 -26.66 14.09 14.40
C THR E 72 -25.55 13.25 15.03
N ILE E 73 -24.32 13.41 14.54
CA ILE E 73 -23.19 12.68 15.11
C ILE E 73 -22.37 13.65 15.94
N SER E 74 -21.85 13.17 17.05
CA SER E 74 -21.05 14.05 17.89
C SER E 74 -20.01 13.21 18.61
N ALA E 75 -19.04 13.91 19.20
CA ALA E 75 -17.98 13.31 19.99
C ALA E 75 -17.83 14.13 21.25
N ASP E 76 -17.76 13.47 22.40
CA ASP E 76 -17.47 14.16 23.67
C ASP E 76 -16.04 13.76 24.06
N THR E 77 -15.08 14.65 23.82
CA THR E 77 -13.70 14.29 24.10
C THR E 77 -13.41 14.19 25.59
N SER E 78 -14.24 14.79 26.43
CA SER E 78 -14.01 14.70 27.86
C SER E 78 -14.33 13.31 28.38
N LYS E 79 -15.29 12.66 27.76
CA LYS E 79 -15.77 11.34 28.07
C LYS E 79 -15.20 10.33 27.10
N ASN E 80 -14.48 10.80 26.10
CA ASN E 80 -13.92 9.94 25.07
C ASN E 80 -15.00 9.02 24.50
N THR E 81 -16.16 9.62 24.15
CA THR E 81 -17.32 8.88 23.65
C THR E 81 -17.93 9.59 22.46
N ALA E 82 -18.30 8.82 21.43
CA ALA E 82 -19.05 9.37 20.30
C ALA E 82 -20.51 8.96 20.40
N TYR E 83 -21.36 9.73 19.69
CA TYR E 83 -22.82 9.55 19.73
C TYR E 83 -23.42 9.66 18.34
N LEU E 84 -24.51 8.94 18.13
CA LEU E 84 -25.42 9.16 17.01
C LEU E 84 -26.81 9.32 17.59
N GLN E 85 -27.30 10.56 17.53
CA GLN E 85 -28.66 10.92 17.91
C GLN E 85 -29.55 10.72 16.69
N MET E 86 -30.50 9.80 16.78
CA MET E 86 -31.41 9.49 15.68
C MET E 86 -32.79 10.00 16.04
N ASN E 87 -33.30 10.96 15.24
CA ASN E 87 -34.66 11.50 15.29
C ASN E 87 -35.47 11.00 14.09
N SER E 88 -36.79 11.13 14.22
CA SER E 88 -37.83 10.70 13.28
C SER E 88 -37.44 9.39 12.59
N LEU E 89 -37.24 8.37 13.40
CA LEU E 89 -36.88 7.07 12.88
C LEU E 89 -38.01 6.48 12.05
N ARG E 90 -37.64 5.75 10.99
CA ARG E 90 -38.56 4.97 10.18
C ARG E 90 -38.15 3.51 10.27
N ALA E 91 -39.05 2.67 9.82
CA ALA E 91 -38.82 1.23 9.85
C ALA E 91 -37.58 0.83 9.04
N GLU E 92 -37.28 1.53 7.94
CA GLU E 92 -36.11 1.11 7.16
C GLU E 92 -34.80 1.40 7.86
N ASP E 93 -34.82 2.16 8.96
CA ASP E 93 -33.62 2.41 9.74
C ASP E 93 -33.29 1.23 10.64
N THR E 94 -34.13 0.19 10.67
CA THR E 94 -33.87 -0.97 11.50
C THR E 94 -32.57 -1.64 11.06
N ALA E 95 -31.62 -1.80 11.98
CA ALA E 95 -30.30 -2.33 11.62
C ALA E 95 -29.47 -2.58 12.87
N VAL E 96 -28.46 -3.43 12.71
CA VAL E 96 -27.34 -3.41 13.64
C VAL E 96 -26.50 -2.16 13.32
N TYR E 97 -26.23 -1.34 14.33
CA TYR E 97 -25.43 -0.14 14.18
C TYR E 97 -24.06 -0.35 14.82
N TYR E 98 -23.00 -0.15 14.02
CA TYR E 98 -21.60 -0.21 14.44
C TYR E 98 -21.06 1.22 14.48
N CYS E 99 -20.23 1.53 15.50
CA CYS E 99 -19.29 2.62 15.33
C CYS E 99 -17.93 2.03 14.97
N ALA E 100 -17.14 2.81 14.25
CA ALA E 100 -15.90 2.32 13.72
C ALA E 100 -14.86 3.43 13.76
N ARG E 101 -13.60 3.06 13.97
CA ARG E 101 -12.49 4.01 13.93
C ARG E 101 -11.88 4.02 12.54
N GLN E 102 -11.83 5.18 11.93
CA GLN E 102 -10.91 5.34 10.81
C GLN E 102 -9.48 5.39 11.37
N GLY E 103 -8.62 4.52 10.86
CA GLY E 103 -7.26 4.42 11.37
C GLY E 103 -6.42 5.63 11.02
N TYR E 104 -5.16 5.59 11.47
CA TYR E 104 -4.23 6.68 11.22
C TYR E 104 -3.80 6.73 9.78
N ARG E 105 -3.70 7.97 9.27
CA ARG E 105 -3.41 8.19 7.88
C ARG E 105 -2.16 7.41 7.43
N ARG E 106 -1.06 7.45 8.20
CA ARG E 106 0.15 6.72 7.82
C ARG E 106 0.11 5.23 8.09
N ARG E 107 -0.87 4.72 8.83
CA ARG E 107 -0.83 3.29 9.17
C ARG E 107 -1.83 2.46 8.41
N SER E 108 -3.04 2.93 8.22
CA SER E 108 -3.98 2.12 7.46
C SER E 108 -4.82 2.96 6.49
N GLY E 109 -4.22 4.02 5.93
CA GLY E 109 -4.90 4.82 4.93
C GLY E 109 -6.19 5.36 5.54
N ARG E 110 -7.33 5.12 4.85
CA ARG E 110 -8.65 5.43 5.41
C ARG E 110 -9.45 4.20 5.78
N GLY E 111 -8.85 3.02 5.83
CA GLY E 111 -9.58 1.86 6.31
C GLY E 111 -10.06 2.05 7.74
N PHE E 112 -11.18 1.41 8.05
CA PHE E 112 -11.77 1.40 9.39
C PHE E 112 -11.14 0.23 10.11
N ASP E 113 -10.15 0.50 10.97
CA ASP E 113 -9.36 -0.60 11.50
C ASP E 113 -9.92 -1.19 12.79
N TYR E 114 -10.79 -0.48 13.50
CA TYR E 114 -11.43 -1.05 14.69
C TYR E 114 -12.93 -0.79 14.65
N TRP E 115 -13.69 -1.78 15.08
CA TRP E 115 -15.14 -1.74 15.03
C TRP E 115 -15.73 -2.12 16.39
N GLY E 116 -16.84 -1.46 16.73
CA GLY E 116 -17.64 -1.87 17.87
C GLY E 116 -18.32 -3.20 17.63
N GLN E 117 -18.92 -3.71 18.72
CA GLN E 117 -19.64 -4.97 18.65
C GLN E 117 -21.01 -4.84 17.97
N GLY E 118 -21.53 -3.63 17.78
CA GLY E 118 -22.84 -3.42 17.17
C GLY E 118 -23.98 -3.33 18.18
N THR E 119 -24.96 -2.50 17.87
CA THR E 119 -26.17 -2.50 18.69
C THR E 119 -27.39 -2.48 17.78
N LEU E 120 -28.36 -3.35 18.06
CA LEU E 120 -29.52 -3.50 17.20
C LEU E 120 -30.59 -2.45 17.52
N VAL E 121 -31.02 -1.72 16.50
CA VAL E 121 -32.08 -0.74 16.62
C VAL E 121 -33.26 -1.26 15.80
N THR E 122 -34.41 -1.46 16.43
CA THR E 122 -35.61 -1.95 15.75
C THR E 122 -36.66 -0.85 15.81
N VAL E 123 -37.15 -0.44 14.64
CA VAL E 123 -38.12 0.63 14.52
C VAL E 123 -39.41 -0.02 14.08
N SER E 124 -40.43 0.04 14.92
CA SER E 124 -41.65 -0.72 14.74
C SER E 124 -42.73 -0.17 15.66
N SER E 125 -43.98 -0.29 15.22
CA SER E 125 -45.13 0.03 16.07
C SER E 125 -45.48 -1.10 17.02
N ALA E 126 -45.03 -2.32 16.71
CA ALA E 126 -45.34 -3.46 17.56
C ALA E 126 -44.76 -3.27 18.94
N SER E 127 -45.48 -3.74 19.95
CA SER E 127 -44.97 -3.64 21.30
C SER E 127 -44.12 -4.86 21.59
N THR E 128 -43.24 -4.72 22.58
CA THR E 128 -42.45 -5.84 23.04
C THR E 128 -43.35 -6.98 23.48
N LYS E 129 -42.96 -8.21 23.14
CA LYS E 129 -43.71 -9.37 23.60
C LYS E 129 -42.75 -10.52 23.81
N GLY E 130 -42.84 -11.14 24.99
CA GLY E 130 -42.01 -12.26 25.36
C GLY E 130 -42.48 -13.56 24.73
N PRO E 131 -41.56 -14.53 24.65
CA PRO E 131 -41.86 -15.78 23.95
C PRO E 131 -42.40 -16.85 24.89
N SER E 132 -43.15 -17.78 24.29
CA SER E 132 -43.48 -19.06 24.90
C SER E 132 -42.55 -20.13 24.36
N VAL E 133 -42.12 -21.04 25.23
CA VAL E 133 -41.17 -22.09 24.86
C VAL E 133 -41.84 -23.44 24.99
N PHE E 134 -41.87 -24.20 23.90
CA PHE E 134 -42.46 -25.52 23.89
C PHE E 134 -41.45 -26.58 23.47
N PRO E 135 -41.51 -27.79 24.04
CA PRO E 135 -40.49 -28.79 23.74
C PRO E 135 -40.74 -29.49 22.41
N LEU E 136 -39.64 -29.88 21.76
CA LEU E 136 -39.66 -30.77 20.61
C LEU E 136 -39.33 -32.17 21.13
N ALA E 137 -40.38 -32.95 21.39
CA ALA E 137 -40.26 -34.20 22.13
C ALA E 137 -39.44 -35.24 21.38
N PRO E 138 -38.65 -36.05 22.09
CA PRO E 138 -37.86 -37.09 21.43
C PRO E 138 -38.72 -38.19 20.84
N SER E 139 -38.08 -38.96 19.94
CA SER E 139 -38.70 -40.11 19.30
C SER E 139 -39.26 -41.10 20.32
N SER E 140 -40.59 -41.26 20.33
CA SER E 140 -41.21 -42.29 21.15
C SER E 140 -41.19 -43.66 20.49
N LYS E 141 -40.80 -43.75 19.21
CA LYS E 141 -40.59 -45.04 18.57
C LYS E 141 -39.13 -45.45 18.72
N SER E 142 -38.81 -46.65 18.22
CA SER E 142 -37.48 -47.22 18.44
C SER E 142 -36.42 -46.42 17.70
N THR E 143 -35.17 -46.87 17.82
CA THR E 143 -34.04 -46.10 17.32
C THR E 143 -33.92 -46.24 15.80
N SER E 144 -33.88 -45.11 15.11
CA SER E 144 -33.70 -45.05 13.65
C SER E 144 -32.38 -44.34 13.36
N GLY E 145 -31.32 -45.12 13.15
CA GLY E 145 -29.99 -44.58 12.93
C GLY E 145 -29.12 -44.54 14.16
N GLY E 146 -29.60 -45.09 15.28
CA GLY E 146 -28.90 -45.08 16.54
C GLY E 146 -29.15 -43.86 17.40
N THR E 147 -29.63 -42.75 16.83
CA THR E 147 -29.86 -41.54 17.58
C THR E 147 -31.15 -40.87 17.12
N ALA E 148 -31.75 -40.12 18.04
CA ALA E 148 -32.95 -39.33 17.79
C ALA E 148 -32.62 -37.87 18.05
N ALA E 149 -33.59 -37.00 17.76
CA ALA E 149 -33.38 -35.55 17.88
C ALA E 149 -34.47 -34.94 18.74
N LEU E 150 -34.09 -33.90 19.49
CA LEU E 150 -35.04 -33.16 20.33
C LEU E 150 -34.68 -31.68 20.28
N GLY E 151 -35.56 -30.87 20.84
CA GLY E 151 -35.30 -29.44 20.86
C GLY E 151 -36.42 -28.69 21.54
N CYS E 152 -36.38 -27.37 21.36
CA CYS E 152 -37.36 -26.45 21.92
C CYS E 152 -37.86 -25.53 20.82
N LEU E 153 -39.16 -25.23 20.83
CA LEU E 153 -39.73 -24.23 19.94
C LEU E 153 -40.03 -22.97 20.74
N VAL E 154 -39.47 -21.85 20.29
CA VAL E 154 -39.61 -20.55 20.95
C VAL E 154 -40.44 -19.67 20.03
N LYS E 155 -41.69 -19.41 20.40
CA LYS E 155 -42.66 -18.88 19.47
C LYS E 155 -43.25 -17.57 19.98
N ASP E 156 -43.57 -16.69 19.03
CA ASP E 156 -44.38 -15.48 19.25
C ASP E 156 -43.69 -14.51 20.22
N TYR E 157 -42.54 -13.99 19.81
CA TYR E 157 -41.84 -12.98 20.56
C TYR E 157 -41.53 -11.79 19.66
N PHE E 158 -41.21 -10.67 20.30
CA PHE E 158 -40.87 -9.45 19.59
C PHE E 158 -40.19 -8.52 20.58
N PRO E 159 -39.16 -7.80 20.18
CA PRO E 159 -38.48 -7.90 18.89
C PRO E 159 -37.39 -8.96 18.95
N GLU E 160 -36.54 -9.03 17.93
CA GLU E 160 -35.33 -9.82 18.02
C GLU E 160 -34.39 -9.20 19.06
N PRO E 161 -33.47 -9.98 19.64
CA PRO E 161 -33.21 -11.41 19.43
C PRO E 161 -33.62 -12.30 20.58
N VAL E 162 -33.62 -13.61 20.36
CA VAL E 162 -33.62 -14.60 21.42
C VAL E 162 -32.30 -15.34 21.34
N THR E 163 -31.77 -15.73 22.49
CA THR E 163 -30.59 -16.58 22.56
C THR E 163 -30.96 -17.86 23.28
N VAL E 164 -30.48 -19.00 22.77
CA VAL E 164 -30.83 -20.31 23.32
C VAL E 164 -29.55 -21.08 23.63
N SER E 165 -29.50 -21.70 24.81
CA SER E 165 -28.42 -22.61 25.18
C SER E 165 -29.04 -23.84 25.82
N TRP E 166 -28.22 -24.88 25.98
CA TRP E 166 -28.68 -26.16 26.52
C TRP E 166 -27.83 -26.54 27.72
N ASN E 167 -28.49 -26.92 28.82
CA ASN E 167 -27.82 -27.26 30.07
C ASN E 167 -26.85 -26.16 30.50
N SER E 168 -27.34 -24.92 30.49
CA SER E 168 -26.56 -23.72 30.84
C SER E 168 -25.22 -23.68 30.12
N GLY E 169 -25.20 -24.16 28.87
CA GLY E 169 -24.01 -24.08 28.03
C GLY E 169 -23.04 -25.22 28.17
N ALA E 170 -23.23 -26.13 29.12
CA ALA E 170 -22.35 -27.30 29.20
C ALA E 170 -22.49 -28.16 27.95
N LEU E 171 -23.71 -28.28 27.44
CA LEU E 171 -23.97 -29.02 26.22
C LEU E 171 -23.99 -28.04 25.06
N THR E 172 -23.00 -28.15 24.18
CA THR E 172 -22.88 -27.30 23.00
C THR E 172 -22.68 -28.07 21.71
N SER E 173 -22.22 -29.32 21.75
CA SER E 173 -21.94 -30.09 20.56
C SER E 173 -23.24 -30.60 19.92
N GLY E 174 -23.42 -30.31 18.63
CA GLY E 174 -24.56 -30.79 17.88
C GLY E 174 -25.83 -29.97 17.95
N VAL E 175 -25.81 -28.81 18.60
CA VAL E 175 -26.98 -27.95 18.68
C VAL E 175 -27.11 -27.12 17.40
N HIS E 176 -28.34 -26.97 16.92
CA HIS E 176 -28.65 -26.06 15.81
C HIS E 176 -29.80 -25.15 16.24
N THR E 177 -29.52 -23.86 16.35
CA THR E 177 -30.55 -22.86 16.58
C THR E 177 -30.80 -22.12 15.27
N PHE E 178 -32.04 -22.18 14.80
CA PHE E 178 -32.36 -21.69 13.48
C PHE E 178 -32.61 -20.19 13.49
N PRO E 179 -32.41 -19.52 12.36
CA PRO E 179 -32.79 -18.11 12.27
C PRO E 179 -34.27 -17.91 12.54
N ALA E 180 -34.57 -16.76 13.13
CA ALA E 180 -35.95 -16.42 13.42
C ALA E 180 -36.74 -16.26 12.13
N VAL E 181 -37.98 -16.70 12.16
CA VAL E 181 -38.92 -16.49 11.06
C VAL E 181 -39.98 -15.51 11.55
N LEU E 182 -40.27 -14.51 10.73
CA LEU E 182 -41.32 -13.54 11.02
C LEU E 182 -42.65 -14.13 10.59
N GLN E 183 -43.52 -14.40 11.56
CA GLN E 183 -44.82 -14.96 11.23
C GLN E 183 -45.77 -13.88 10.74
N SER E 184 -46.85 -14.32 10.10
CA SER E 184 -47.84 -13.39 9.58
C SER E 184 -48.48 -12.56 10.68
N SER E 185 -48.41 -13.03 11.92
CA SER E 185 -48.84 -12.27 13.10
C SER E 185 -47.96 -11.04 13.38
N GLY E 186 -46.80 -10.94 12.74
CA GLY E 186 -45.84 -9.89 13.06
C GLY E 186 -44.89 -10.23 14.18
N LEU E 187 -44.97 -11.43 14.73
CA LEU E 187 -44.10 -11.91 15.79
C LEU E 187 -43.15 -12.96 15.24
N TYR E 188 -41.97 -13.04 15.84
CA TYR E 188 -40.99 -14.03 15.42
C TYR E 188 -41.20 -15.35 16.14
N SER E 189 -40.69 -16.40 15.51
CA SER E 189 -40.55 -17.70 16.15
C SER E 189 -39.26 -18.31 15.66
N LEU E 190 -38.65 -19.15 16.50
CA LEU E 190 -37.50 -19.94 16.07
C LEU E 190 -37.51 -21.25 16.83
N SER E 191 -36.75 -22.20 16.29
CA SER E 191 -36.58 -23.49 16.89
C SER E 191 -35.11 -23.70 17.22
N SER E 192 -34.87 -24.39 18.33
CA SER E 192 -33.55 -24.91 18.63
C SER E 192 -33.66 -26.40 18.81
N VAL E 193 -32.81 -27.15 18.12
CA VAL E 193 -32.86 -28.61 18.14
C VAL E 193 -31.47 -29.16 18.43
N VAL E 194 -31.44 -30.37 18.98
CA VAL E 194 -30.21 -31.10 19.21
C VAL E 194 -30.46 -32.56 18.85
N THR E 195 -29.39 -33.25 18.45
CA THR E 195 -29.45 -34.68 18.19
C THR E 195 -28.69 -35.40 19.29
N VAL E 196 -29.32 -36.45 19.85
CA VAL E 196 -28.79 -37.14 21.01
C VAL E 196 -29.01 -38.64 20.86
N PRO E 197 -28.23 -39.45 21.57
CA PRO E 197 -28.48 -40.91 21.57
C PRO E 197 -29.82 -41.24 22.19
N SER E 198 -30.70 -41.83 21.38
CA SER E 198 -32.05 -42.18 21.83
C SER E 198 -32.05 -43.15 23.00
N SER E 199 -30.96 -43.90 23.20
CA SER E 199 -30.90 -44.91 24.24
C SER E 199 -30.96 -44.33 25.66
N SER E 200 -30.77 -43.03 25.84
CA SER E 200 -30.66 -42.46 27.18
C SER E 200 -31.53 -41.23 27.35
N LEU E 201 -32.62 -41.15 26.58
CA LEU E 201 -33.52 -40.00 26.65
C LEU E 201 -34.11 -39.83 28.04
N GLY E 202 -34.67 -40.90 28.61
CA GLY E 202 -35.42 -40.80 29.84
C GLY E 202 -34.59 -40.78 31.12
N THR E 203 -33.27 -40.85 31.01
CA THR E 203 -32.39 -40.85 32.18
C THR E 203 -31.41 -39.67 32.15
N GLN E 204 -31.71 -38.64 31.37
CA GLN E 204 -30.79 -37.52 31.23
C GLN E 204 -31.55 -36.20 31.18
N THR E 205 -30.96 -35.18 31.79
CA THR E 205 -31.62 -33.88 31.92
C THR E 205 -31.30 -33.02 30.70
N TYR E 206 -32.35 -32.54 30.05
CA TYR E 206 -32.23 -31.67 28.88
C TYR E 206 -33.00 -30.40 29.21
N ILE E 207 -32.28 -29.32 29.42
CA ILE E 207 -32.89 -28.02 29.70
C ILE E 207 -32.37 -27.03 28.66
N CYS E 208 -33.27 -26.45 27.89
CA CYS E 208 -32.90 -25.39 26.98
C CYS E 208 -33.12 -24.06 27.70
N ASN E 209 -32.13 -23.19 27.62
CA ASN E 209 -32.10 -21.94 28.38
C ASN E 209 -32.42 -20.81 27.42
N VAL E 210 -33.65 -20.31 27.47
CA VAL E 210 -34.11 -19.29 26.55
C VAL E 210 -33.98 -17.93 27.24
N ASN E 211 -33.28 -17.02 26.59
CA ASN E 211 -33.09 -15.68 27.09
C ASN E 211 -33.68 -14.70 26.08
N HIS E 212 -34.61 -13.87 26.52
CA HIS E 212 -35.16 -12.81 25.68
C HIS E 212 -34.96 -11.50 26.43
N LYS E 213 -33.78 -10.92 26.26
CA LYS E 213 -33.42 -9.69 26.96
C LYS E 213 -34.42 -8.55 26.76
N PRO E 214 -34.97 -8.28 25.57
CA PRO E 214 -35.86 -7.12 25.42
C PRO E 214 -37.09 -7.17 26.31
N SER E 215 -37.48 -8.35 26.78
CA SER E 215 -38.59 -8.47 27.71
C SER E 215 -38.16 -8.88 29.12
N ASN E 216 -36.85 -9.00 29.37
CA ASN E 216 -36.33 -9.49 30.65
C ASN E 216 -36.92 -10.85 30.98
N THR E 217 -36.90 -11.74 29.99
CA THR E 217 -37.48 -13.07 30.11
C THR E 217 -36.40 -14.13 30.02
N LYS E 218 -36.40 -15.05 30.98
CA LYS E 218 -35.57 -16.25 30.92
C LYS E 218 -36.45 -17.44 31.24
N VAL E 219 -36.40 -18.45 30.39
CA VAL E 219 -37.21 -19.66 30.52
C VAL E 219 -36.28 -20.86 30.42
N ASP E 220 -36.57 -21.90 31.21
CA ASP E 220 -35.87 -23.16 31.16
C ASP E 220 -36.90 -24.26 30.95
N LYS E 221 -36.63 -25.17 30.01
CA LYS E 221 -37.59 -26.22 29.69
C LYS E 221 -36.91 -27.59 29.72
N LYS E 222 -37.39 -28.46 30.60
CA LYS E 222 -37.00 -29.87 30.56
C LYS E 222 -37.70 -30.56 29.40
N VAL E 223 -37.00 -31.51 28.77
CA VAL E 223 -37.51 -32.20 27.58
C VAL E 223 -37.58 -33.69 27.86
N GLU E 224 -38.77 -34.28 27.71
CA GLU E 224 -39.01 -35.69 27.95
C GLU E 224 -39.94 -36.27 26.90
N PRO E 225 -39.74 -37.53 26.52
CA PRO E 225 -40.80 -38.26 25.81
C PRO E 225 -42.00 -38.46 26.73
N LYS E 226 -43.19 -38.50 26.12
CA LYS E 226 -44.44 -38.48 26.87
C LYS E 226 -44.81 -39.89 27.33
N SER E 227 -46.06 -40.06 27.78
CA SER E 227 -46.47 -41.26 28.50
C SER E 227 -46.05 -42.54 27.79
N CYS E 228 -46.54 -42.75 26.58
CA CYS E 228 -46.20 -43.97 25.85
C CYS E 228 -45.61 -43.65 24.48
N SER F 1 -21.05 13.02 -7.96
CA SER F 1 -21.61 13.36 -6.65
C SER F 1 -21.63 12.10 -5.79
N ASP F 2 -22.64 11.27 -6.00
CA ASP F 2 -22.61 9.90 -5.50
C ASP F 2 -21.71 9.03 -6.39
N ILE F 3 -21.09 8.03 -5.75
CA ILE F 3 -20.25 7.01 -6.36
C ILE F 3 -20.84 5.65 -6.00
N GLN F 4 -21.10 4.81 -6.97
CA GLN F 4 -21.56 3.47 -6.65
C GLN F 4 -20.36 2.54 -6.72
N MET F 5 -20.41 1.48 -5.93
CA MET F 5 -19.41 0.43 -5.93
C MET F 5 -20.13 -0.88 -6.23
N THR F 6 -19.90 -1.43 -7.42
CA THR F 6 -20.60 -2.61 -7.91
C THR F 6 -19.70 -3.83 -7.68
N GLN F 7 -20.07 -4.66 -6.74
CA GLN F 7 -19.24 -5.80 -6.36
C GLN F 7 -19.79 -7.08 -7.00
N SER F 8 -18.89 -7.92 -7.52
CA SER F 8 -19.30 -9.22 -8.03
C SER F 8 -18.25 -10.28 -7.74
N PRO F 9 -18.68 -11.56 -7.64
CA PRO F 9 -20.06 -12.04 -7.66
C PRO F 9 -20.74 -11.76 -6.31
N SER F 10 -22.06 -11.89 -6.24
CA SER F 10 -22.69 -11.74 -4.94
C SER F 10 -22.47 -12.97 -4.06
N SER F 11 -22.29 -14.14 -4.66
CA SER F 11 -21.97 -15.33 -3.90
C SER F 11 -20.99 -16.17 -4.68
N LEU F 12 -20.39 -17.12 -3.98
CA LEU F 12 -19.35 -17.92 -4.56
C LEU F 12 -19.21 -19.14 -3.66
N SER F 13 -19.29 -20.32 -4.23
CA SER F 13 -18.96 -21.54 -3.52
C SER F 13 -17.67 -22.10 -4.10
N ALA F 14 -16.67 -22.27 -3.22
CA ALA F 14 -15.33 -22.64 -3.63
C ALA F 14 -14.81 -23.71 -2.68
N SER F 15 -13.78 -24.39 -3.13
CA SER F 15 -13.11 -25.44 -2.39
C SER F 15 -11.88 -24.87 -1.69
N VAL F 16 -11.47 -25.57 -0.62
CA VAL F 16 -10.21 -25.21 0.03
C VAL F 16 -9.08 -25.37 -0.96
N GLY F 17 -8.21 -24.36 -1.01
CA GLY F 17 -7.12 -24.35 -1.97
C GLY F 17 -7.39 -23.58 -3.23
N ASP F 18 -8.65 -23.23 -3.50
CA ASP F 18 -8.96 -22.49 -4.70
C ASP F 18 -8.42 -21.07 -4.59
N ARG F 19 -7.94 -20.54 -5.71
CA ARG F 19 -7.79 -19.10 -5.86
C ARG F 19 -9.17 -18.46 -5.96
N VAL F 20 -9.35 -17.34 -5.29
CA VAL F 20 -10.62 -16.64 -5.25
C VAL F 20 -10.40 -15.21 -5.74
N THR F 21 -11.25 -14.73 -6.65
CA THR F 21 -11.11 -13.37 -7.16
C THR F 21 -12.44 -12.62 -7.06
N ILE F 22 -12.47 -11.58 -6.21
CA ILE F 22 -13.67 -10.77 -5.98
C ILE F 22 -13.40 -9.39 -6.56
N THR F 23 -14.33 -8.87 -7.34
CA THR F 23 -14.10 -7.61 -7.99
C THR F 23 -15.14 -6.57 -7.59
N CYS F 24 -14.74 -5.32 -7.75
CA CYS F 24 -15.55 -4.20 -7.36
C CYS F 24 -15.23 -3.11 -8.37
N ARG F 25 -16.25 -2.58 -9.00
CA ARG F 25 -16.13 -1.57 -10.02
C ARG F 25 -16.72 -0.27 -9.49
N ALA F 26 -15.90 0.78 -9.42
CA ALA F 26 -16.39 2.10 -9.02
C ALA F 26 -16.95 2.82 -10.22
N SER F 27 -18.14 3.41 -10.07
CA SER F 27 -18.84 4.08 -11.17
C SER F 27 -18.13 5.32 -11.66
N GLN F 28 -17.17 5.82 -10.91
CA GLN F 28 -16.23 6.83 -11.41
C GLN F 28 -14.99 6.74 -10.54
N SER F 29 -14.01 7.60 -10.83
CA SER F 29 -12.70 7.43 -10.21
C SER F 29 -12.79 7.68 -8.72
N VAL F 30 -12.26 6.73 -7.94
CA VAL F 30 -12.10 6.88 -6.50
C VAL F 30 -10.62 6.84 -6.13
N SER F 31 -9.76 7.12 -7.10
CA SER F 31 -8.30 7.06 -6.95
C SER F 31 -7.94 5.73 -6.26
N SER F 32 -7.10 5.72 -5.24
CA SER F 32 -6.77 4.48 -4.55
C SER F 32 -7.49 4.28 -3.22
N ALA F 33 -8.54 5.05 -2.95
CA ALA F 33 -9.10 5.09 -1.60
C ALA F 33 -10.15 4.00 -1.39
N VAL F 34 -9.67 2.76 -1.47
CA VAL F 34 -10.54 1.60 -1.41
C VAL F 34 -10.03 0.64 -0.35
N ALA F 35 -10.94 0.14 0.47
CA ALA F 35 -10.64 -0.83 1.52
C ALA F 35 -11.51 -2.08 1.32
N TRP F 36 -11.02 -3.20 1.85
CA TRP F 36 -11.74 -4.47 1.80
C TRP F 36 -11.95 -4.99 3.22
N TYR F 37 -13.14 -5.54 3.50
CA TYR F 37 -13.44 -6.04 4.84
C TYR F 37 -13.92 -7.49 4.76
N GLN F 38 -13.67 -8.23 5.82
CA GLN F 38 -14.17 -9.58 6.00
C GLN F 38 -15.16 -9.56 7.14
N GLN F 39 -16.32 -10.18 6.97
CA GLN F 39 -17.31 -10.24 8.05
C GLN F 39 -17.82 -11.65 8.24
N LYS F 40 -17.66 -12.15 9.38
CA LYS F 40 -18.27 -13.44 9.61
C LYS F 40 -19.61 -13.27 10.33
N PRO F 41 -20.53 -14.23 10.16
CA PRO F 41 -21.90 -14.02 10.67
C PRO F 41 -21.91 -13.65 12.15
N GLY F 42 -22.68 -12.62 12.47
CA GLY F 42 -22.86 -12.14 13.84
C GLY F 42 -21.69 -11.36 14.40
N LYS F 43 -20.68 -11.08 13.59
CA LYS F 43 -19.46 -10.42 14.02
C LYS F 43 -19.34 -9.06 13.33
N ALA F 44 -18.51 -8.19 13.88
CA ALA F 44 -18.19 -6.97 13.16
C ALA F 44 -17.22 -7.28 12.02
N PRO F 45 -17.19 -6.43 11.01
CA PRO F 45 -16.19 -6.57 9.97
C PRO F 45 -14.77 -6.34 10.49
N LYS F 46 -13.80 -6.94 9.79
CA LYS F 46 -12.37 -6.78 10.02
C LYS F 46 -11.74 -6.26 8.73
N LEU F 47 -10.86 -5.29 8.87
CA LEU F 47 -10.14 -4.71 7.73
C LEU F 47 -9.10 -5.70 7.20
N LEU F 48 -9.07 -5.89 5.87
CA LEU F 48 -8.07 -6.72 5.22
C LEU F 48 -7.06 -5.88 4.47
N ILE F 49 -7.55 -4.98 3.64
CA ILE F 49 -6.72 -4.25 2.67
C ILE F 49 -7.13 -2.80 2.81
N TYR F 50 -6.17 -1.89 2.73
CA TYR F 50 -6.51 -0.48 2.71
C TYR F 50 -5.75 0.16 1.56
N SER F 51 -6.20 1.32 1.12
CA SER F 51 -5.55 2.03 0.04
C SER F 51 -5.35 1.12 -1.20
N ALA F 52 -6.39 0.33 -1.49
CA ALA F 52 -6.57 -0.54 -2.64
C ALA F 52 -5.66 -1.76 -2.63
N SER F 53 -4.45 -1.66 -2.07
CA SER F 53 -3.51 -2.76 -2.21
C SER F 53 -2.57 -2.98 -1.03
N SER F 54 -2.71 -2.28 0.10
CA SER F 54 -1.78 -2.46 1.21
C SER F 54 -2.39 -3.41 2.22
N LEU F 55 -1.62 -4.41 2.62
CA LEU F 55 -2.13 -5.44 3.51
C LEU F 55 -2.11 -4.93 4.95
N TYR F 56 -3.25 -5.03 5.60
CA TYR F 56 -3.35 -4.57 6.97
C TYR F 56 -2.57 -5.51 7.90
N SER F 57 -1.93 -4.92 8.90
CA SER F 57 -1.13 -5.67 9.86
C SER F 57 -1.99 -6.76 10.52
N GLY F 58 -1.42 -7.96 10.64
CA GLY F 58 -2.13 -9.11 11.15
C GLY F 58 -2.83 -9.97 10.10
N VAL F 59 -3.00 -9.48 8.88
CA VAL F 59 -3.74 -10.23 7.87
C VAL F 59 -2.83 -11.17 7.08
N PRO F 60 -3.22 -12.42 6.84
CA PRO F 60 -2.32 -13.36 6.14
C PRO F 60 -1.99 -12.91 4.73
N SER F 61 -0.78 -13.24 4.28
CA SER F 61 -0.29 -12.76 2.99
C SER F 61 -1.02 -13.39 1.79
N ARG F 62 -1.81 -14.45 1.99
CA ARG F 62 -2.65 -14.95 0.89
C ARG F 62 -3.74 -13.94 0.47
N PHE F 63 -4.06 -12.95 1.29
CA PHE F 63 -4.96 -11.89 0.85
C PHE F 63 -4.18 -10.81 0.13
N SER F 64 -4.70 -10.36 -1.01
CA SER F 64 -4.08 -9.24 -1.71
C SER F 64 -5.17 -8.48 -2.45
N GLY F 65 -4.88 -7.22 -2.77
CA GLY F 65 -5.82 -6.38 -3.47
C GLY F 65 -5.11 -5.57 -4.52
N SER F 66 -5.84 -5.23 -5.59
CA SER F 66 -5.17 -4.47 -6.63
C SER F 66 -6.18 -3.57 -7.32
N ARG F 67 -5.65 -2.60 -8.04
CA ARG F 67 -6.44 -1.57 -8.71
C ARG F 67 -6.04 -1.49 -10.17
N SER F 68 -7.02 -1.33 -11.04
CA SER F 68 -6.77 -0.97 -12.43
C SER F 68 -7.85 0.02 -12.85
N GLY F 69 -7.52 1.31 -12.83
CA GLY F 69 -8.53 2.29 -13.17
C GLY F 69 -9.58 2.26 -12.08
N THR F 70 -10.82 1.96 -12.45
CA THR F 70 -11.91 1.93 -11.48
C THR F 70 -12.26 0.54 -11.02
N ASP F 71 -11.51 -0.49 -11.45
CA ASP F 71 -11.74 -1.88 -11.06
C ASP F 71 -10.76 -2.27 -9.96
N PHE F 72 -11.29 -2.75 -8.86
CA PHE F 72 -10.53 -3.17 -7.71
C PHE F 72 -10.84 -4.65 -7.49
N THR F 73 -9.83 -5.44 -7.19
CA THR F 73 -10.06 -6.86 -6.99
C THR F 73 -9.41 -7.27 -5.68
N LEU F 74 -10.09 -8.16 -4.97
CA LEU F 74 -9.55 -8.85 -3.81
C LEU F 74 -9.27 -10.29 -4.23
N THR F 75 -8.05 -10.75 -3.98
CA THR F 75 -7.66 -12.10 -4.35
C THR F 75 -7.26 -12.83 -3.09
N ILE F 76 -7.76 -14.05 -2.96
CA ILE F 76 -7.24 -14.98 -1.97
C ILE F 76 -6.55 -16.05 -2.78
N SER F 77 -5.23 -16.13 -2.68
CA SER F 77 -4.52 -16.99 -3.61
C SER F 77 -4.84 -18.46 -3.35
N SER F 78 -5.12 -18.82 -2.10
CA SER F 78 -5.42 -20.21 -1.75
C SER F 78 -6.45 -20.17 -0.62
N LEU F 79 -7.70 -20.41 -0.96
CA LEU F 79 -8.79 -20.30 0.00
C LEU F 79 -8.57 -21.26 1.16
N GLN F 80 -8.61 -20.72 2.38
CA GLN F 80 -8.46 -21.52 3.58
C GLN F 80 -9.77 -21.65 4.30
N PRO F 81 -9.95 -22.71 5.11
CA PRO F 81 -11.27 -22.91 5.73
C PRO F 81 -11.71 -21.77 6.62
N GLU F 82 -10.79 -21.07 7.26
CA GLU F 82 -11.20 -19.93 8.05
C GLU F 82 -11.60 -18.73 7.20
N ASP F 83 -11.59 -18.86 5.87
CA ASP F 83 -11.84 -17.72 5.00
C ASP F 83 -13.27 -17.65 4.52
N PHE F 84 -14.12 -18.62 4.89
CA PHE F 84 -15.56 -18.50 4.68
C PHE F 84 -16.05 -17.21 5.29
N ALA F 85 -16.69 -16.37 4.47
CA ALA F 85 -17.16 -15.10 4.98
C ALA F 85 -17.86 -14.33 3.90
N THR F 86 -18.34 -13.16 4.27
CA THR F 86 -18.76 -12.14 3.32
C THR F 86 -17.66 -11.09 3.25
N TYR F 87 -17.27 -10.73 2.04
CA TYR F 87 -16.25 -9.72 1.81
C TYR F 87 -16.95 -8.48 1.25
N TYR F 88 -16.50 -7.30 1.69
CA TYR F 88 -17.06 -6.03 1.25
C TYR F 88 -15.97 -5.11 0.75
N CYS F 89 -16.21 -4.39 -0.35
CA CYS F 89 -15.32 -3.28 -0.72
C CYS F 89 -15.97 -1.99 -0.25
N GLN F 90 -15.16 -0.95 -0.09
CA GLN F 90 -15.65 0.34 0.37
C GLN F 90 -14.80 1.44 -0.26
N GLN F 91 -15.43 2.46 -0.82
CA GLN F 91 -14.73 3.66 -1.27
C GLN F 91 -14.82 4.77 -0.24
N SER F 92 -13.66 5.34 0.12
CA SER F 92 -13.57 6.52 0.97
C SER F 92 -12.83 7.64 0.25
N TYR F 93 -13.13 7.78 -1.04
CA TYR F 93 -12.62 8.90 -1.80
C TYR F 93 -13.47 10.15 -1.56
N SER F 94 -14.77 9.98 -1.36
CA SER F 94 -15.66 11.12 -1.20
C SER F 94 -16.77 10.78 -0.22
N PHE F 95 -17.33 11.82 0.43
CA PHE F 95 -18.52 11.57 1.23
C PHE F 95 -19.78 11.78 0.39
N PRO F 96 -20.80 10.96 0.55
CA PRO F 96 -20.93 9.77 1.41
C PRO F 96 -20.09 8.61 0.94
N SER F 97 -19.52 7.92 1.92
CA SER F 97 -18.80 6.68 1.67
C SER F 97 -19.78 5.62 1.16
N THR F 98 -19.28 4.67 0.35
CA THR F 98 -20.08 3.62 -0.27
C THR F 98 -19.43 2.26 -0.04
N PHE F 99 -20.21 1.29 0.40
CA PHE F 99 -19.77 -0.11 0.40
C PHE F 99 -20.27 -0.83 -0.86
N GLY F 100 -19.53 -1.85 -1.30
CA GLY F 100 -20.12 -2.79 -2.21
C GLY F 100 -21.13 -3.69 -1.51
N GLN F 101 -22.00 -4.34 -2.29
CA GLN F 101 -23.08 -5.13 -1.70
C GLN F 101 -22.60 -6.47 -1.15
N GLY F 102 -21.33 -6.80 -1.30
CA GLY F 102 -20.89 -7.98 -0.60
C GLY F 102 -20.80 -9.21 -1.48
N THR F 103 -19.83 -10.06 -1.17
CA THR F 103 -19.67 -11.37 -1.77
C THR F 103 -19.63 -12.39 -0.64
N LYS F 104 -20.57 -13.31 -0.63
CA LYS F 104 -20.63 -14.34 0.39
C LYS F 104 -19.92 -15.58 -0.14
N VAL F 105 -18.89 -16.02 0.58
CA VAL F 105 -18.06 -17.13 0.15
C VAL F 105 -18.37 -18.34 1.02
N GLU F 106 -18.76 -19.46 0.40
CA GLU F 106 -19.04 -20.70 1.10
C GLU F 106 -18.23 -21.85 0.49
N ILE F 107 -18.11 -22.93 1.26
CA ILE F 107 -17.15 -23.99 1.01
C ILE F 107 -17.87 -25.21 0.46
N LYS F 108 -17.40 -25.69 -0.68
CA LYS F 108 -17.92 -26.91 -1.29
C LYS F 108 -17.55 -28.12 -0.43
N ARG F 109 -18.32 -29.20 -0.60
CA ARG F 109 -18.00 -30.46 0.04
C ARG F 109 -18.78 -31.55 -0.67
N THR F 110 -18.61 -32.79 -0.22
CA THR F 110 -19.35 -33.89 -0.83
C THR F 110 -20.82 -33.78 -0.48
N VAL F 111 -21.65 -34.36 -1.35
CA VAL F 111 -23.09 -34.38 -1.09
C VAL F 111 -23.35 -35.10 0.21
N ALA F 112 -24.22 -34.53 1.04
CA ALA F 112 -24.67 -35.17 2.27
C ALA F 112 -26.20 -35.18 2.27
N ALA F 113 -26.76 -36.35 2.46
CA ALA F 113 -28.21 -36.49 2.54
C ALA F 113 -28.69 -36.04 3.91
N PRO F 114 -29.93 -35.56 4.01
CA PRO F 114 -30.44 -35.09 5.31
C PRO F 114 -31.06 -36.22 6.13
N SER F 115 -30.91 -36.09 7.45
CA SER F 115 -31.57 -36.96 8.42
C SER F 115 -32.81 -36.26 8.96
N VAL F 116 -33.94 -36.95 8.96
CA VAL F 116 -35.24 -36.32 9.07
C VAL F 116 -35.93 -36.75 10.36
N PHE F 117 -36.57 -35.77 11.02
CA PHE F 117 -37.31 -35.99 12.24
C PHE F 117 -38.62 -35.22 12.14
N ILE F 118 -39.69 -35.79 12.69
CA ILE F 118 -40.99 -35.15 12.74
C ILE F 118 -41.32 -34.88 14.20
N PHE F 119 -41.99 -33.77 14.47
CA PHE F 119 -42.29 -33.36 15.84
C PHE F 119 -43.76 -32.99 16.00
N PRO F 120 -44.52 -33.77 16.77
CA PRO F 120 -45.90 -33.37 17.07
C PRO F 120 -45.92 -32.21 18.04
N PRO F 121 -46.98 -31.40 18.03
CA PRO F 121 -47.10 -30.29 18.98
C PRO F 121 -47.24 -30.75 20.42
N SER F 122 -46.70 -29.94 21.34
CA SER F 122 -46.82 -30.19 22.76
C SER F 122 -48.24 -29.92 23.26
N ASP F 123 -48.64 -30.67 24.28
CA ASP F 123 -49.95 -30.47 24.89
C ASP F 123 -50.11 -29.06 25.44
N GLU F 124 -49.01 -28.44 25.87
CA GLU F 124 -49.05 -27.09 26.42
C GLU F 124 -49.43 -26.06 25.37
N GLN F 125 -48.89 -26.19 24.15
CA GLN F 125 -49.27 -25.26 23.09
C GLN F 125 -50.71 -25.50 22.67
N LEU F 126 -51.16 -26.76 22.75
CA LEU F 126 -52.55 -27.08 22.48
C LEU F 126 -53.48 -26.38 23.46
N LYS F 127 -53.05 -26.23 24.72
CA LYS F 127 -53.82 -25.41 25.67
C LYS F 127 -54.08 -24.01 25.13
N SER F 128 -53.08 -23.38 24.53
CA SER F 128 -53.26 -22.03 24.00
C SER F 128 -54.22 -22.00 22.83
N GLY F 129 -54.10 -22.95 21.91
CA GLY F 129 -55.03 -23.01 20.80
C GLY F 129 -54.42 -23.13 19.42
N THR F 130 -53.10 -23.07 19.31
CA THR F 130 -52.42 -23.28 18.04
C THR F 130 -51.57 -24.54 18.10
N ALA F 131 -51.33 -25.14 16.94
CA ALA F 131 -50.53 -26.34 16.82
C ALA F 131 -49.35 -26.08 15.87
N SER F 132 -48.14 -26.35 16.34
CA SER F 132 -46.93 -26.25 15.54
C SER F 132 -46.36 -27.65 15.32
N VAL F 133 -46.38 -28.12 14.08
CA VAL F 133 -45.70 -29.36 13.69
C VAL F 133 -44.39 -28.97 13.01
N VAL F 134 -43.31 -29.65 13.39
CA VAL F 134 -41.96 -29.28 12.99
C VAL F 134 -41.31 -30.47 12.29
N CYS F 135 -40.62 -30.17 11.20
CA CYS F 135 -39.84 -31.14 10.45
C CYS F 135 -38.40 -30.67 10.44
N LEU F 136 -37.47 -31.53 10.88
CA LEU F 136 -36.07 -31.17 11.01
C LEU F 136 -35.27 -31.92 9.96
N LEU F 137 -34.55 -31.17 9.13
CA LEU F 137 -33.62 -31.72 8.16
C LEU F 137 -32.21 -31.42 8.67
N ASN F 138 -31.45 -32.46 9.00
CA ASN F 138 -30.22 -32.29 9.74
C ASN F 138 -29.00 -32.67 8.89
N ASN F 139 -28.07 -31.72 8.76
CA ASN F 139 -26.68 -31.96 8.29
C ASN F 139 -26.61 -32.55 6.88
N PHE F 140 -26.98 -31.71 5.91
CA PHE F 140 -26.93 -32.08 4.49
C PHE F 140 -26.17 -31.04 3.68
N TYR F 141 -25.75 -31.44 2.47
CA TYR F 141 -25.13 -30.58 1.47
C TYR F 141 -25.49 -31.19 0.12
N PRO F 142 -25.82 -30.38 -0.91
CA PRO F 142 -25.87 -28.91 -0.92
C PRO F 142 -27.09 -28.33 -0.23
N ARG F 143 -27.21 -27.00 -0.28
CA ARG F 143 -28.22 -26.30 0.52
C ARG F 143 -29.62 -26.59 0.00
N GLU F 144 -29.78 -26.77 -1.30
CA GLU F 144 -31.09 -26.87 -1.91
C GLU F 144 -31.81 -28.15 -1.47
N ALA F 145 -33.03 -27.99 -0.96
CA ALA F 145 -33.81 -29.11 -0.48
C ALA F 145 -35.29 -28.76 -0.56
N LYS F 146 -36.12 -29.80 -0.60
CA LYS F 146 -37.56 -29.65 -0.78
C LYS F 146 -38.30 -30.29 0.38
N VAL F 147 -39.27 -29.57 0.94
CA VAL F 147 -40.15 -30.10 1.97
C VAL F 147 -41.59 -29.92 1.53
N GLN F 148 -42.37 -30.99 1.55
CA GLN F 148 -43.81 -30.93 1.29
C GLN F 148 -44.55 -31.56 2.46
N TRP F 149 -45.54 -30.84 2.99
CA TRP F 149 -46.38 -31.34 4.06
C TRP F 149 -47.62 -31.98 3.47
N LYS F 150 -48.00 -33.13 4.03
CA LYS F 150 -49.25 -33.80 3.67
C LYS F 150 -50.05 -34.09 4.93
N VAL F 151 -51.35 -33.90 4.82
CA VAL F 151 -52.28 -34.16 5.91
C VAL F 151 -53.40 -35.02 5.35
N ASP F 152 -53.48 -36.27 5.79
CA ASP F 152 -54.41 -37.26 5.24
C ASP F 152 -54.27 -37.36 3.74
N ASN F 153 -53.02 -37.30 3.27
CA ASN F 153 -52.61 -37.35 1.88
C ASN F 153 -52.91 -36.05 1.14
N ALA F 154 -53.47 -35.05 1.82
CA ALA F 154 -53.84 -33.80 1.18
C ALA F 154 -52.67 -32.82 1.26
N LEU F 155 -52.27 -32.28 0.12
CA LEU F 155 -51.10 -31.42 0.05
C LEU F 155 -51.37 -30.04 0.65
N GLN F 156 -50.43 -29.57 1.46
CA GLN F 156 -50.50 -28.29 2.13
C GLN F 156 -49.68 -27.26 1.36
N SER F 157 -50.17 -26.02 1.36
CA SER F 157 -49.43 -24.92 0.77
C SER F 157 -49.73 -23.64 1.52
N GLY F 158 -48.68 -22.85 1.78
CA GLY F 158 -48.85 -21.53 2.34
C GLY F 158 -49.12 -21.47 3.82
N ASN F 159 -49.14 -22.62 4.51
CA ASN F 159 -49.27 -22.65 5.97
C ASN F 159 -48.01 -23.22 6.62
N SER F 160 -46.87 -23.07 5.95
CA SER F 160 -45.60 -23.57 6.46
C SER F 160 -44.54 -22.48 6.33
N GLN F 161 -43.51 -22.60 7.15
CA GLN F 161 -42.39 -21.66 7.09
C GLN F 161 -41.08 -22.41 7.29
N GLU F 162 -40.05 -21.94 6.62
CA GLU F 162 -38.74 -22.57 6.63
C GLU F 162 -37.65 -21.65 7.18
N SER F 163 -36.60 -22.29 7.69
CA SER F 163 -35.46 -21.61 8.28
C SER F 163 -34.24 -22.46 8.05
N VAL F 164 -33.13 -21.83 7.64
CA VAL F 164 -31.92 -22.54 7.25
C VAL F 164 -30.76 -21.98 8.05
N THR F 165 -29.97 -22.87 8.65
CA THR F 165 -28.77 -22.43 9.32
C THR F 165 -27.72 -21.98 8.30
N GLU F 166 -26.74 -21.24 8.79
CA GLU F 166 -25.54 -20.99 8.01
C GLU F 166 -24.75 -22.28 7.86
N GLN F 167 -23.82 -22.27 6.91
CA GLN F 167 -22.94 -23.42 6.73
C GLN F 167 -22.18 -23.68 8.03
N ASP F 168 -22.14 -24.94 8.43
CA ASP F 168 -21.54 -25.33 9.70
C ASP F 168 -20.03 -25.10 9.69
N SER F 169 -19.49 -24.84 10.88
CA SER F 169 -18.07 -24.53 11.01
C SER F 169 -17.18 -25.69 10.54
N LYS F 170 -17.51 -26.92 10.95
CA LYS F 170 -16.64 -28.06 10.62
C LYS F 170 -17.10 -28.81 9.38
N ASP F 171 -18.33 -29.34 9.38
CA ASP F 171 -18.77 -30.25 8.33
C ASP F 171 -19.37 -29.53 7.13
N SER F 172 -19.52 -28.21 7.19
CA SER F 172 -19.92 -27.40 6.05
C SER F 172 -21.28 -27.81 5.51
N THR F 173 -22.15 -28.31 6.38
CA THR F 173 -23.50 -28.67 6.01
C THR F 173 -24.46 -27.59 6.50
N TYR F 174 -25.74 -27.80 6.19
CA TYR F 174 -26.81 -26.93 6.63
C TYR F 174 -27.83 -27.75 7.39
N SER F 175 -28.70 -27.07 8.11
CA SER F 175 -29.88 -27.70 8.68
C SER F 175 -31.07 -26.78 8.41
N LEU F 176 -32.25 -27.39 8.39
CA LEU F 176 -33.47 -26.70 8.00
C LEU F 176 -34.62 -27.18 8.87
N SER F 177 -35.41 -26.22 9.35
CA SER F 177 -36.64 -26.52 10.07
C SER F 177 -37.82 -25.99 9.25
N SER F 178 -38.84 -26.81 9.10
CA SER F 178 -40.09 -26.41 8.47
C SER F 178 -41.19 -26.57 9.49
N THR F 179 -41.96 -25.52 9.69
CA THR F 179 -43.03 -25.52 10.68
C THR F 179 -44.37 -25.40 10.00
N LEU F 180 -45.26 -26.34 10.28
CA LEU F 180 -46.62 -26.33 9.77
C LEU F 180 -47.53 -25.71 10.84
N THR F 181 -48.18 -24.61 10.50
CA THR F 181 -49.03 -23.88 11.45
C THR F 181 -50.50 -24.10 11.07
N LEU F 182 -51.27 -24.60 12.03
CA LEU F 182 -52.70 -24.78 11.84
C LEU F 182 -53.38 -24.49 13.17
N SER F 183 -54.63 -24.05 13.10
CA SER F 183 -55.43 -23.92 14.30
C SER F 183 -55.68 -25.29 14.90
N LYS F 184 -55.86 -25.34 16.22
CA LYS F 184 -56.06 -26.62 16.88
C LYS F 184 -57.28 -27.34 16.32
N ALA F 185 -58.32 -26.57 15.96
CA ALA F 185 -59.53 -27.17 15.40
C ALA F 185 -59.21 -27.95 14.13
N ASP F 186 -58.43 -27.37 13.21
CA ASP F 186 -58.06 -28.08 12.00
C ASP F 186 -57.12 -29.23 12.28
N TYR F 187 -56.34 -29.14 13.36
CA TYR F 187 -55.45 -30.24 13.73
C TYR F 187 -56.25 -31.47 14.11
N GLU F 188 -57.33 -31.28 14.87
CA GLU F 188 -58.15 -32.40 15.29
C GLU F 188 -59.05 -32.94 14.18
N LYS F 189 -59.18 -32.22 13.06
CA LYS F 189 -60.04 -32.69 11.98
C LYS F 189 -59.39 -33.77 11.13
N HIS F 190 -58.06 -33.80 11.08
CA HIS F 190 -57.34 -34.74 10.25
C HIS F 190 -56.47 -35.67 11.10
N LYS F 191 -56.08 -36.78 10.49
CA LYS F 191 -55.50 -37.92 11.18
C LYS F 191 -54.00 -38.07 10.95
N VAL F 192 -53.55 -38.01 9.70
CA VAL F 192 -52.18 -38.35 9.33
C VAL F 192 -51.43 -37.08 8.97
N TYR F 193 -50.38 -36.79 9.73
CA TYR F 193 -49.48 -35.67 9.43
C TYR F 193 -48.12 -36.23 9.08
N ALA F 194 -47.65 -35.89 7.88
CA ALA F 194 -46.42 -36.45 7.35
C ALA F 194 -45.56 -35.34 6.77
N CYS F 195 -44.26 -35.58 6.76
CA CYS F 195 -43.30 -34.64 6.19
C CYS F 195 -42.43 -35.41 5.19
N GLU F 196 -42.46 -35.00 3.92
CA GLU F 196 -41.72 -35.68 2.87
C GLU F 196 -40.63 -34.75 2.32
N VAL F 197 -39.44 -35.30 2.09
CA VAL F 197 -38.26 -34.53 1.71
C VAL F 197 -37.70 -35.03 0.39
N THR F 198 -37.31 -34.09 -0.47
CA THR F 198 -36.55 -34.36 -1.68
C THR F 198 -35.19 -33.66 -1.60
N HIS F 199 -34.13 -34.37 -1.97
CA HIS F 199 -32.77 -33.85 -1.91
C HIS F 199 -31.90 -34.62 -2.90
N GLN F 200 -30.76 -34.01 -3.26
CA GLN F 200 -29.84 -34.65 -4.19
C GLN F 200 -29.21 -35.90 -3.62
N GLY F 201 -29.09 -35.99 -2.31
CA GLY F 201 -28.53 -37.15 -1.65
C GLY F 201 -29.47 -38.31 -1.44
N LEU F 202 -30.73 -38.18 -1.87
CA LEU F 202 -31.74 -39.21 -1.68
C LEU F 202 -32.17 -39.78 -3.02
N SER F 203 -31.97 -41.08 -3.22
CA SER F 203 -32.48 -41.72 -4.42
C SER F 203 -34.00 -41.64 -4.48
N SER F 204 -34.66 -41.83 -3.34
CA SER F 204 -36.11 -41.73 -3.26
C SER F 204 -36.49 -40.78 -2.13
N PRO F 205 -37.63 -40.10 -2.26
CA PRO F 205 -38.07 -39.19 -1.20
C PRO F 205 -38.24 -39.94 0.12
N VAL F 206 -37.99 -39.22 1.21
CA VAL F 206 -38.04 -39.77 2.56
C VAL F 206 -39.26 -39.18 3.27
N THR F 207 -39.91 -40.00 4.08
CA THR F 207 -41.13 -39.60 4.78
C THR F 207 -41.03 -39.98 6.25
N LYS F 208 -41.16 -38.99 7.13
CA LYS F 208 -41.39 -39.20 8.55
C LYS F 208 -42.78 -38.68 8.86
N SER F 209 -43.49 -39.37 9.74
CA SER F 209 -44.89 -39.04 9.99
C SER F 209 -45.28 -39.49 11.38
N PHE F 210 -46.53 -39.20 11.74
CA PHE F 210 -47.15 -39.70 12.95
C PHE F 210 -48.65 -39.68 12.75
N ASN F 211 -49.35 -40.43 13.59
CA ASN F 211 -50.81 -40.41 13.65
C ASN F 211 -51.20 -39.54 14.83
N ARG F 212 -52.06 -38.55 14.59
CA ARG F 212 -52.43 -37.62 15.64
C ARG F 212 -52.89 -38.37 16.87
N GLY F 213 -52.25 -38.09 18.01
CA GLY F 213 -52.58 -38.74 19.25
C GLY F 213 -52.19 -40.21 19.31
N GLU F 214 -50.89 -40.48 19.29
CA GLU F 214 -50.35 -41.82 19.40
C GLU F 214 -49.48 -41.96 20.65
N CYS F 215 -49.87 -41.26 21.72
CA CYS F 215 -49.13 -41.22 22.99
C CYS F 215 -47.65 -40.94 22.78
#